data_3CAK
#
_entry.id   3CAK
#
_cell.length_a   43.286
_cell.length_b   45.338
_cell.length_c   78.913
_cell.angle_alpha   104.73
_cell.angle_beta   93.40
_cell.angle_gamma   97.65
#
_symmetry.space_group_name_H-M   'P 1'
#
loop_
_entity.id
_entity.type
_entity.pdbx_description
1 polymer 'Parathion hydrolase'
2 non-polymer 'COBALT (II) ION'
3 non-polymer 2-[BIS-(2-HYDROXY-ETHYL)-AMINO]-2-HYDROXYMETHYL-PROPANE-1,3-DIOL
4 non-polymer 'DIETHYL HYDROGEN PHOSPHATE'
5 non-polymer 'ETHYL DIHYDROGEN PHOSPHATE'
6 water water
#
_entity_poly.entity_id   1
_entity_poly.type   'polypeptide(L)'
_entity_poly.pdbx_seq_one_letter_code
;DRINTVRGPITISEAGFTLTHEHICGSSAGFLRAWPEFFGSRKALAEKAVRGLRRARAAGVRTIVDVSTFDIGRDVSLLA
EVSRAADVHIVAATGLWFDPPLSMRLRSVEELTQFFLREIQYGIEDTGIRAGII(KCX)VATTGKATPFQELVLKAAARA
SLATGVPVTTHTAASQRDGEQQAAIFESEGLSPSRVCIGHSDDTDDLSYLTALAARGYLIGLDHIPHSAIGLEDNASASA
LLGIRSWQTRALLIKALIDQGYMKQILVSNDWLFGFSSYVTNIMDVMDRVNPDGMAFIPLRVIPFLREKGVPQETLAGIT
VTNPARFLSPTLRAS
;
_entity_poly.pdbx_strand_id   A,B
#
loop_
_chem_comp.id
_chem_comp.type
_chem_comp.name
_chem_comp.formula
BTB non-polymer 2-[BIS-(2-HYDROXY-ETHYL)-AMINO]-2-HYDROXYMETHYL-PROPANE-1,3-DIOL 'C8 H19 N O5'
CO non-polymer 'COBALT (II) ION' 'Co 2'
DPF non-polymer 'DIETHYL HYDROGEN PHOSPHATE' 'C4 H11 O4 P'
EFS non-polymer 'ETHYL DIHYDROGEN PHOSPHATE' 'C2 H7 O4 P'
#
# COMPACT_ATOMS: atom_id res chain seq x y z
N ASP A 1 22.42 -25.95 0.16
CA ASP A 1 21.44 -25.37 -0.82
C ASP A 1 21.82 -23.98 -1.34
N ARG A 2 21.32 -23.66 -2.53
CA ARG A 2 21.56 -22.37 -3.14
C ARG A 2 20.68 -21.27 -2.56
N ILE A 3 21.25 -20.08 -2.54
CA ILE A 3 20.63 -18.90 -1.97
C ILE A 3 20.04 -18.08 -3.12
N ASN A 4 18.74 -17.85 -3.05
CA ASN A 4 18.06 -16.97 -3.99
C ASN A 4 18.55 -15.51 -3.90
N THR A 5 19.03 -14.99 -5.02
CA THR A 5 19.28 -13.54 -5.19
C THR A 5 18.43 -13.02 -6.33
N VAL A 6 18.42 -11.71 -6.51
CA VAL A 6 17.56 -11.11 -7.56
C VAL A 6 18.07 -11.41 -8.97
N ARG A 7 19.32 -11.87 -9.07
CA ARG A 7 19.90 -12.32 -10.33
C ARG A 7 19.89 -13.86 -10.48
N GLY A 8 19.26 -14.56 -9.54
CA GLY A 8 19.15 -16.01 -9.59
C GLY A 8 19.82 -16.65 -8.38
N PRO A 9 19.72 -17.98 -8.25
CA PRO A 9 20.33 -18.70 -7.10
C PRO A 9 21.86 -18.74 -7.12
N ILE A 10 22.51 -18.47 -5.98
CA ILE A 10 23.98 -18.53 -5.91
C ILE A 10 24.42 -19.58 -4.90
N THR A 11 25.64 -20.08 -5.06
CA THR A 11 26.23 -21.00 -4.11
C THR A 11 26.81 -20.25 -2.91
N ILE A 12 26.94 -20.99 -1.82
CA ILE A 12 27.57 -20.48 -0.60
C ILE A 12 28.94 -19.83 -0.89
N SER A 13 29.74 -20.46 -1.75
CA SER A 13 31.06 -19.92 -2.11
C SER A 13 30.97 -18.51 -2.65
N GLU A 14 29.83 -18.17 -3.26
N GLU A 14 29.83 -18.14 -3.22
CA GLU A 14 29.65 -16.90 -3.96
CA GLU A 14 29.71 -16.89 -3.94
C GLU A 14 29.26 -15.74 -3.04
C GLU A 14 29.15 -15.73 -3.09
N ALA A 15 28.61 -16.04 -1.92
CA ALA A 15 28.04 -14.98 -1.05
C ALA A 15 29.08 -13.97 -0.49
N GLY A 16 30.24 -14.45 -0.05
CA GLY A 16 31.27 -13.59 0.47
C GLY A 16 30.79 -12.77 1.66
N PHE A 17 31.42 -11.63 1.89
CA PHE A 17 31.06 -10.72 2.98
C PHE A 17 29.63 -10.24 2.77
N THR A 18 28.76 -10.58 3.71
CA THR A 18 27.33 -10.30 3.55
C THR A 18 26.74 -9.41 4.66
N LEU A 19 26.07 -8.32 4.25
CA LEU A 19 25.23 -7.50 5.14
C LEU A 19 23.79 -8.05 5.17
N THR A 20 23.35 -8.51 6.33
CA THR A 20 22.09 -9.24 6.43
C THR A 20 20.82 -8.44 6.73
N HIS A 21 20.94 -7.12 6.90
CA HIS A 21 19.77 -6.27 7.04
C HIS A 21 19.99 -4.88 6.48
N GLU A 22 19.46 -4.68 5.29
CA GLU A 22 19.69 -3.47 4.51
C GLU A 22 18.46 -3.21 3.66
N HIS A 23 18.39 -2.04 3.04
CA HIS A 23 17.31 -1.69 2.12
C HIS A 23 17.85 -0.91 0.96
N ILE A 24 17.42 -1.26 -0.25
CA ILE A 24 17.65 -0.33 -1.35
C ILE A 24 16.80 0.95 -1.12
N CYS A 25 15.51 0.77 -0.81
CA CYS A 25 14.61 1.91 -0.63
C CYS A 25 13.47 1.55 0.34
N GLY A 26 13.33 2.32 1.42
CA GLY A 26 12.29 2.07 2.39
C GLY A 26 11.10 2.93 2.01
N SER A 27 10.03 2.28 1.54
CA SER A 27 8.92 3.05 1.00
C SER A 27 7.62 2.36 1.36
N SER A 28 6.67 2.35 0.43
CA SER A 28 5.38 1.72 0.63
C SER A 28 4.95 1.05 -0.68
N ALA A 29 4.09 0.04 -0.58
CA ALA A 29 3.60 -0.68 -1.77
C ALA A 29 3.05 0.31 -2.80
N GLY A 30 3.51 0.16 -4.05
CA GLY A 30 3.09 1.00 -5.18
C GLY A 30 3.63 2.42 -5.21
N PHE A 31 4.34 2.82 -4.19
CA PHE A 31 4.67 4.24 -4.01
C PHE A 31 5.74 4.70 -4.98
N LEU A 32 6.79 3.90 -5.12
CA LEU A 32 7.86 4.25 -6.06
C LEU A 32 7.33 4.47 -7.49
N ARG A 33 6.41 3.62 -7.92
N ARG A 33 6.41 3.61 -7.89
CA ARG A 33 5.87 3.71 -9.27
CA ARG A 33 5.81 3.64 -9.22
C ARG A 33 4.86 4.85 -9.42
C ARG A 33 4.90 4.86 -9.39
N ALA A 34 4.12 5.16 -8.36
CA ALA A 34 3.16 6.27 -8.43
C ALA A 34 3.76 7.69 -8.27
N TRP A 35 4.87 7.81 -7.53
CA TRP A 35 5.39 9.10 -7.14
C TRP A 35 6.92 9.07 -7.12
N PRO A 36 7.53 8.75 -8.27
CA PRO A 36 8.99 8.61 -8.33
C PRO A 36 9.69 9.94 -8.00
N GLU A 37 9.04 11.05 -8.34
N GLU A 37 9.07 11.07 -8.31
CA GLU A 37 9.58 12.39 -8.04
CA GLU A 37 9.69 12.37 -8.03
C GLU A 37 9.83 12.61 -6.55
C GLU A 37 9.71 12.74 -6.53
N PHE A 38 9.10 11.92 -5.69
CA PHE A 38 9.35 12.06 -4.27
C PHE A 38 10.87 11.83 -4.02
N PHE A 39 11.47 10.90 -4.76
CA PHE A 39 12.89 10.54 -4.70
C PHE A 39 13.74 11.37 -5.68
N GLY A 40 13.20 12.47 -6.18
CA GLY A 40 13.85 13.22 -7.27
C GLY A 40 13.39 12.65 -8.61
N SER A 41 13.81 11.40 -8.87
CA SER A 41 13.27 10.56 -9.96
C SER A 41 13.66 9.12 -9.69
N ARG A 42 13.08 8.19 -10.44
CA ARG A 42 13.50 6.80 -10.31
C ARG A 42 15.00 6.65 -10.72
N LYS A 43 15.35 7.30 -11.82
CA LYS A 43 16.72 7.30 -12.33
C LYS A 43 17.74 7.79 -11.27
N ALA A 44 17.42 8.89 -10.60
CA ALA A 44 18.24 9.45 -9.53
C ALA A 44 18.39 8.51 -8.34
N LEU A 45 17.28 7.91 -7.90
CA LEU A 45 17.30 6.89 -6.86
C LEU A 45 18.22 5.71 -7.22
N ALA A 46 18.02 5.13 -8.40
CA ALA A 46 18.88 4.08 -8.90
C ALA A 46 20.36 4.50 -8.87
N GLU A 47 20.69 5.67 -9.44
CA GLU A 47 22.09 6.15 -9.45
C GLU A 47 22.66 6.23 -8.03
N LYS A 48 21.89 6.76 -7.10
CA LYS A 48 22.33 6.88 -5.71
C LYS A 48 22.60 5.50 -5.12
N ALA A 49 21.73 4.56 -5.41
CA ALA A 49 21.88 3.20 -4.87
C ALA A 49 23.12 2.51 -5.51
N VAL A 50 23.32 2.71 -6.81
CA VAL A 50 24.50 2.13 -7.49
C VAL A 50 25.80 2.71 -6.91
N ARG A 51 25.87 4.03 -6.79
CA ARG A 51 26.99 4.64 -6.08
C ARG A 51 27.25 4.02 -4.72
N GLY A 52 26.20 3.92 -3.92
CA GLY A 52 26.28 3.38 -2.57
C GLY A 52 26.76 1.94 -2.55
N LEU A 53 26.19 1.12 -3.42
CA LEU A 53 26.53 -0.29 -3.46
C LEU A 53 27.97 -0.46 -3.92
N ARG A 54 28.41 0.38 -4.84
CA ARG A 54 29.79 0.30 -5.35
C ARG A 54 30.78 0.68 -4.24
N ARG A 55 30.43 1.68 -3.44
CA ARG A 55 31.22 2.09 -2.27
C ARG A 55 31.35 0.92 -1.29
N ALA A 56 30.22 0.26 -0.99
CA ALA A 56 30.20 -0.93 -0.15
C ALA A 56 31.06 -2.06 -0.76
N ARG A 57 30.89 -2.31 -2.05
CA ARG A 57 31.71 -3.32 -2.73
C ARG A 57 33.21 -3.05 -2.60
N ALA A 58 33.61 -1.80 -2.80
CA ALA A 58 35.02 -1.40 -2.73
C ALA A 58 35.56 -1.64 -1.32
N ALA A 59 34.68 -1.56 -0.31
CA ALA A 59 35.07 -1.82 1.07
C ALA A 59 34.98 -3.31 1.49
N GLY A 60 34.65 -4.18 0.54
CA GLY A 60 34.66 -5.60 0.81
C GLY A 60 33.32 -6.33 0.73
N VAL A 61 32.22 -5.57 0.66
CA VAL A 61 30.88 -6.20 0.63
C VAL A 61 30.60 -6.90 -0.70
N ARG A 62 30.05 -8.11 -0.65
CA ARG A 62 29.75 -8.89 -1.87
C ARG A 62 28.25 -9.17 -2.02
N THR A 63 27.55 -9.23 -0.90
CA THR A 63 26.12 -9.48 -0.88
C THR A 63 25.41 -8.61 0.19
N ILE A 64 24.24 -8.11 -0.15
CA ILE A 64 23.34 -7.57 0.86
C ILE A 64 22.02 -8.31 0.87
N VAL A 65 21.39 -8.35 2.03
CA VAL A 65 20.05 -8.86 2.10
C VAL A 65 19.14 -7.64 2.25
N ASP A 66 18.31 -7.42 1.23
CA ASP A 66 17.35 -6.31 1.30
C ASP A 66 16.08 -6.89 1.95
N VAL A 67 15.84 -6.49 3.22
CA VAL A 67 14.72 -7.05 3.99
C VAL A 67 13.44 -6.23 3.79
N SER A 68 13.38 -5.47 2.69
CA SER A 68 12.16 -4.73 2.33
C SER A 68 11.08 -5.74 1.90
N THR A 69 9.95 -5.69 2.59
CA THR A 69 8.78 -6.48 2.27
C THR A 69 7.86 -5.74 1.27
N PHE A 70 6.80 -6.43 0.83
CA PHE A 70 5.73 -5.84 0.06
C PHE A 70 5.35 -4.46 0.60
N ASP A 71 5.07 -4.38 1.90
CA ASP A 71 4.58 -3.13 2.51
C ASP A 71 5.66 -2.09 2.82
N ILE A 72 6.92 -2.48 2.70
CA ILE A 72 8.04 -1.52 2.63
C ILE A 72 8.23 -1.03 1.18
N GLY A 73 7.32 -1.44 0.29
CA GLY A 73 7.39 -0.93 -1.07
C GLY A 73 8.56 -1.49 -1.87
N ARG A 74 9.05 -2.65 -1.47
CA ARG A 74 10.04 -3.42 -2.23
C ARG A 74 9.70 -3.43 -3.72
N ASP A 75 10.68 -3.06 -4.54
CA ASP A 75 10.55 -3.11 -5.99
C ASP A 75 11.70 -3.98 -6.50
N VAL A 76 11.42 -5.27 -6.71
CA VAL A 76 12.52 -6.16 -7.05
C VAL A 76 13.14 -5.84 -8.40
N SER A 77 12.39 -5.19 -9.29
N SER A 77 12.40 -5.19 -9.30
CA SER A 77 12.97 -4.76 -10.57
CA SER A 77 13.02 -4.78 -10.56
C SER A 77 14.07 -3.72 -10.34
C SER A 77 14.10 -3.74 -10.31
N LEU A 78 13.86 -2.85 -9.36
CA LEU A 78 14.88 -1.84 -8.99
C LEU A 78 16.07 -2.58 -8.36
N LEU A 79 15.77 -3.52 -7.45
CA LEU A 79 16.83 -4.33 -6.84
C LEU A 79 17.67 -5.02 -7.91
N ALA A 80 17.01 -5.60 -8.92
CA ALA A 80 17.74 -6.35 -9.96
C ALA A 80 18.60 -5.35 -10.72
N GLU A 81 18.02 -4.20 -11.00
CA GLU A 81 18.74 -3.22 -11.82
C GLU A 81 20.04 -2.79 -11.13
N VAL A 82 19.96 -2.44 -9.84
CA VAL A 82 21.15 -1.92 -9.16
C VAL A 82 22.12 -3.03 -8.78
N SER A 83 21.59 -4.22 -8.50
CA SER A 83 22.46 -5.38 -8.29
C SER A 83 23.39 -5.61 -9.50
N ARG A 84 22.79 -5.63 -10.70
CA ARG A 84 23.56 -5.78 -11.96
C ARG A 84 24.56 -4.64 -12.12
N ALA A 85 24.09 -3.42 -11.92
CA ALA A 85 24.95 -2.24 -12.18
C ALA A 85 26.11 -2.16 -11.21
N ALA A 86 25.88 -2.52 -9.94
CA ALA A 86 26.94 -2.41 -8.94
C ALA A 86 27.74 -3.71 -8.74
N ASP A 87 27.29 -4.76 -9.44
CA ASP A 87 27.80 -6.12 -9.24
C ASP A 87 27.92 -6.51 -7.74
N VAL A 88 26.82 -6.35 -7.02
CA VAL A 88 26.73 -6.79 -5.65
C VAL A 88 25.48 -7.70 -5.61
N HIS A 89 25.59 -8.88 -5.00
CA HIS A 89 24.45 -9.77 -4.88
C HIS A 89 23.40 -9.16 -3.97
N ILE A 90 22.13 -9.27 -4.35
CA ILE A 90 21.02 -8.81 -3.49
C ILE A 90 20.02 -9.95 -3.26
N VAL A 91 19.81 -10.29 -1.99
CA VAL A 91 18.78 -11.26 -1.63
C VAL A 91 17.50 -10.46 -1.31
N ALA A 92 16.41 -10.75 -2.02
CA ALA A 92 15.14 -10.11 -1.75
C ALA A 92 14.35 -10.84 -0.64
N ALA A 93 13.36 -10.13 -0.08
CA ALA A 93 12.59 -10.63 1.04
C ALA A 93 11.10 -10.77 0.71
N THR A 94 10.47 -11.77 1.32
CA THR A 94 9.02 -11.79 1.49
C THR A 94 8.66 -11.46 2.98
N GLY A 95 7.42 -11.68 3.39
CA GLY A 95 6.94 -11.34 4.74
C GLY A 95 6.17 -10.02 4.77
N LEU A 96 5.88 -9.51 5.98
CA LEU A 96 5.23 -8.23 6.16
C LEU A 96 5.83 -7.46 7.34
N TRP A 97 5.92 -6.14 7.17
CA TRP A 97 6.46 -5.23 8.19
C TRP A 97 5.25 -4.58 8.85
N PHE A 98 5.42 -3.36 9.34
CA PHE A 98 4.40 -2.63 10.12
C PHE A 98 3.34 -1.88 9.33
N ASP A 99 3.35 -1.93 7.99
CA ASP A 99 2.38 -1.14 7.27
C ASP A 99 1.54 -1.93 6.26
N PRO A 100 1.00 -3.09 6.66
CA PRO A 100 0.18 -3.87 5.75
C PRO A 100 -1.10 -3.11 5.37
N PRO A 101 -1.43 -3.06 4.08
CA PRO A 101 -2.71 -2.47 3.72
C PRO A 101 -3.84 -3.43 4.06
N LEU A 102 -5.08 -2.98 3.91
CA LEU A 102 -6.25 -3.80 4.24
C LEU A 102 -6.29 -5.13 3.52
N SER A 103 -5.85 -5.13 2.27
CA SER A 103 -5.84 -6.36 1.48
C SER A 103 -4.92 -7.42 2.07
N MET A 104 -3.93 -7.01 2.85
CA MET A 104 -3.13 -7.94 3.65
C MET A 104 -3.71 -8.16 5.04
N ARG A 105 -4.07 -7.08 5.73
CA ARG A 105 -4.52 -7.28 7.13
C ARG A 105 -5.82 -8.06 7.34
N LEU A 106 -6.60 -8.21 6.28
CA LEU A 106 -7.84 -8.96 6.33
C LEU A 106 -7.61 -10.47 6.11
N ARG A 107 -6.36 -10.83 5.81
CA ARG A 107 -6.01 -12.19 5.36
C ARG A 107 -5.82 -13.17 6.53
N SER A 108 -6.11 -14.46 6.31
CA SER A 108 -5.95 -15.51 7.35
C SER A 108 -4.49 -15.96 7.45
N VAL A 109 -4.17 -16.79 8.43
CA VAL A 109 -2.81 -17.32 8.50
C VAL A 109 -2.51 -18.22 7.28
N GLU A 110 -3.48 -19.01 6.85
CA GLU A 110 -3.31 -19.84 5.67
C GLU A 110 -3.09 -19.02 4.38
N GLU A 111 -3.85 -17.95 4.21
CA GLU A 111 -3.71 -17.07 3.08
C GLU A 111 -2.32 -16.41 3.06
N LEU A 112 -1.88 -15.91 4.21
CA LEU A 112 -0.54 -15.28 4.30
C LEU A 112 0.54 -16.30 4.02
N THR A 113 0.37 -17.51 4.53
CA THR A 113 1.34 -18.58 4.21
C THR A 113 1.47 -18.75 2.70
N GLN A 114 0.32 -18.79 2.01
CA GLN A 114 0.31 -18.95 0.56
C GLN A 114 1.02 -17.81 -0.13
N PHE A 115 0.82 -16.60 0.37
CA PHE A 115 1.47 -15.43 -0.22
C PHE A 115 2.99 -15.46 -0.06
N PHE A 116 3.46 -15.73 1.17
CA PHE A 116 4.90 -15.86 1.43
C PHE A 116 5.50 -16.97 0.58
N LEU A 117 4.80 -18.09 0.51
CA LEU A 117 5.25 -19.20 -0.32
C LEU A 117 5.31 -18.82 -1.81
N ARG A 118 4.36 -18.04 -2.28
CA ARG A 118 4.37 -17.59 -3.68
C ARG A 118 5.68 -16.86 -3.95
N GLU A 119 5.98 -15.90 -3.09
CA GLU A 119 7.16 -15.05 -3.28
C GLU A 119 8.50 -15.82 -3.17
N ILE A 120 8.48 -16.89 -2.39
CA ILE A 120 9.65 -17.78 -2.32
C ILE A 120 9.74 -18.82 -3.46
N GLN A 121 8.65 -19.53 -3.71
CA GLN A 121 8.67 -20.69 -4.64
C GLN A 121 8.37 -20.35 -6.08
N TYR A 122 7.52 -19.34 -6.29
CA TYR A 122 7.08 -19.01 -7.65
C TYR A 122 7.88 -17.80 -8.11
N GLY A 123 7.77 -16.71 -7.36
CA GLY A 123 8.47 -15.49 -7.70
C GLY A 123 7.68 -14.29 -7.25
N ILE A 124 8.33 -13.13 -7.31
CA ILE A 124 7.72 -11.87 -6.86
C ILE A 124 7.05 -11.15 -8.02
N GLU A 125 5.79 -10.77 -7.83
CA GLU A 125 5.02 -10.15 -8.89
C GLU A 125 5.15 -11.04 -10.14
N ASP A 126 5.41 -10.46 -11.30
CA ASP A 126 5.57 -11.27 -12.50
C ASP A 126 7.03 -11.29 -12.99
N THR A 127 7.99 -11.19 -12.08
CA THR A 127 9.41 -10.98 -12.43
C THR A 127 10.19 -12.30 -12.41
N GLY A 128 9.61 -13.31 -11.76
CA GLY A 128 10.30 -14.57 -11.55
C GLY A 128 11.38 -14.50 -10.47
N ILE A 129 11.61 -13.30 -9.91
CA ILE A 129 12.62 -13.15 -8.83
C ILE A 129 12.08 -13.74 -7.52
N ARG A 130 12.82 -14.68 -6.93
CA ARG A 130 12.36 -15.38 -5.73
C ARG A 130 13.06 -14.87 -4.47
N ALA A 131 12.28 -14.68 -3.41
CA ALA A 131 12.82 -14.24 -2.11
C ALA A 131 13.76 -15.28 -1.49
N GLY A 132 14.79 -14.80 -0.80
CA GLY A 132 15.72 -15.64 -0.06
C GLY A 132 15.61 -15.46 1.44
N ILE A 133 14.63 -14.71 1.90
CA ILE A 133 14.44 -14.54 3.36
C ILE A 133 12.99 -14.08 3.62
N ILE A 134 12.51 -14.29 4.84
CA ILE A 134 11.18 -13.83 5.24
C ILE A 134 11.32 -12.82 6.38
N KCX A 135 10.77 -11.64 6.21
CA KCX A 135 10.88 -10.52 7.18
CB KCX A 135 11.29 -9.22 6.45
CG KCX A 135 11.06 -7.96 7.28
CD KCX A 135 12.14 -7.85 8.37
CE KCX A 135 11.99 -6.55 9.17
NZ KCX A 135 12.48 -5.43 8.35
C KCX A 135 9.58 -10.36 7.90
O KCX A 135 8.53 -10.29 7.28
CX KCX A 135 12.88 -4.26 8.87
OQ1 KCX A 135 12.83 -4.13 10.13
OQ2 KCX A 135 13.28 -3.33 8.13
N VAL A 136 9.62 -10.27 9.21
CA VAL A 136 8.41 -10.01 10.00
C VAL A 136 8.71 -8.94 11.03
N ALA A 137 7.70 -8.55 11.81
CA ALA A 137 7.90 -7.40 12.73
C ALA A 137 6.89 -7.36 13.86
N THR A 138 7.35 -6.99 15.06
CA THR A 138 6.47 -6.60 16.17
C THR A 138 7.06 -5.33 16.76
N THR A 139 6.24 -4.55 17.44
CA THR A 139 6.76 -3.41 18.19
C THR A 139 6.17 -3.45 19.57
N GLY A 140 6.77 -4.24 20.44
CA GLY A 140 6.13 -4.59 21.70
C GLY A 140 5.35 -5.89 21.49
N LYS A 141 4.40 -6.15 22.39
CA LYS A 141 3.56 -7.35 22.26
C LYS A 141 2.93 -7.43 20.85
N ALA A 142 2.99 -8.59 20.21
CA ALA A 142 2.39 -8.79 18.88
C ALA A 142 0.91 -8.42 18.81
N THR A 143 0.51 -7.71 17.75
CA THR A 143 -0.92 -7.54 17.50
C THR A 143 -1.46 -8.89 17.03
N PRO A 144 -2.78 -9.07 17.08
CA PRO A 144 -3.34 -10.32 16.57
C PRO A 144 -2.92 -10.57 15.12
N PHE A 145 -2.90 -9.52 14.31
CA PHE A 145 -2.46 -9.69 12.94
C PHE A 145 -0.97 -10.11 12.87
N GLN A 146 -0.13 -9.47 13.66
CA GLN A 146 1.27 -9.84 13.74
C GLN A 146 1.46 -11.29 14.16
N GLU A 147 0.63 -11.79 15.07
CA GLU A 147 0.71 -13.21 15.42
C GLU A 147 0.53 -14.06 14.19
N LEU A 148 -0.48 -13.75 13.37
CA LEU A 148 -0.73 -14.48 12.11
C LEU A 148 0.51 -14.44 11.22
N VAL A 149 1.09 -13.26 11.04
CA VAL A 149 2.26 -13.11 10.18
C VAL A 149 3.43 -13.95 10.66
N LEU A 150 3.75 -13.90 11.97
CA LEU A 150 4.84 -14.73 12.48
C LEU A 150 4.55 -16.23 12.26
N LYS A 151 3.33 -16.68 12.52
CA LYS A 151 2.99 -18.10 12.27
C LYS A 151 3.13 -18.46 10.79
N ALA A 152 2.58 -17.62 9.91
CA ALA A 152 2.71 -17.80 8.46
C ALA A 152 4.19 -17.84 8.03
N ALA A 153 5.01 -16.93 8.57
CA ALA A 153 6.47 -16.96 8.32
C ALA A 153 7.12 -18.29 8.74
N ALA A 154 6.80 -18.75 9.94
CA ALA A 154 7.27 -20.04 10.46
C ALA A 154 6.90 -21.17 9.50
N ARG A 155 5.65 -21.19 9.07
CA ARG A 155 5.20 -22.22 8.12
C ARG A 155 5.89 -22.14 6.77
N ALA A 156 6.00 -20.95 6.19
CA ALA A 156 6.71 -20.78 4.91
C ALA A 156 8.17 -21.23 5.02
N SER A 157 8.80 -20.88 6.14
CA SER A 157 10.18 -21.29 6.44
C SER A 157 10.28 -22.82 6.56
N LEU A 158 9.34 -23.42 7.27
CA LEU A 158 9.29 -24.89 7.46
C LEU A 158 9.08 -25.64 6.12
N ALA A 159 8.43 -25.01 5.15
CA ALA A 159 8.20 -25.62 3.82
C ALA A 159 9.35 -25.44 2.81
N THR A 160 10.25 -24.52 3.10
CA THR A 160 11.22 -24.08 2.09
C THR A 160 12.66 -24.07 2.58
N GLY A 161 12.85 -24.05 3.91
CA GLY A 161 14.19 -23.87 4.49
C GLY A 161 14.75 -22.43 4.41
N VAL A 162 13.98 -21.50 3.85
CA VAL A 162 14.35 -20.06 3.79
C VAL A 162 14.19 -19.46 5.20
N PRO A 163 15.19 -18.71 5.70
CA PRO A 163 15.18 -18.26 7.10
C PRO A 163 14.23 -17.07 7.36
N VAL A 164 13.95 -16.79 8.63
CA VAL A 164 13.10 -15.68 9.04
C VAL A 164 13.94 -14.61 9.75
N THR A 165 13.66 -13.34 9.52
CA THR A 165 14.42 -12.30 10.21
C THR A 165 13.41 -11.31 10.72
N THR A 166 13.67 -10.71 11.89
CA THR A 166 12.63 -9.94 12.54
C THR A 166 13.06 -8.53 12.89
N HIS A 167 12.07 -7.63 12.85
CA HIS A 167 12.14 -6.34 13.55
C HIS A 167 11.64 -6.51 15.00
N THR A 168 12.34 -5.88 15.96
CA THR A 168 11.92 -5.92 17.39
C THR A 168 11.97 -4.53 17.99
N ALA A 169 11.14 -4.30 19.00
CA ALA A 169 11.40 -3.29 20.04
C ALA A 169 12.28 -4.00 21.11
N ALA A 170 13.60 -3.95 20.92
CA ALA A 170 14.50 -4.80 21.70
C ALA A 170 14.45 -4.51 23.19
N SER A 171 14.33 -3.23 23.56
CA SER A 171 14.34 -2.90 24.99
C SER A 171 13.15 -3.57 25.68
N GLN A 172 12.12 -3.89 24.91
CA GLN A 172 10.95 -4.58 25.45
C GLN A 172 11.07 -6.11 25.34
N ARG A 173 12.20 -6.57 24.79
CA ARG A 173 12.47 -7.99 24.69
C ARG A 173 11.43 -8.73 23.82
N ASP A 174 10.99 -8.07 22.74
CA ASP A 174 10.06 -8.70 21.77
C ASP A 174 10.55 -10.07 21.31
N GLY A 175 11.86 -10.26 21.27
CA GLY A 175 12.47 -11.52 20.81
C GLY A 175 11.96 -12.72 21.56
N GLU A 176 11.64 -12.55 22.84
CA GLU A 176 11.14 -13.68 23.63
C GLU A 176 9.76 -14.14 23.16
N GLN A 177 8.83 -13.21 23.00
CA GLN A 177 7.54 -13.62 22.42
C GLN A 177 7.67 -14.14 21.01
N GLN A 178 8.55 -13.56 20.19
CA GLN A 178 8.70 -14.02 18.81
C GLN A 178 9.17 -15.47 18.83
N ALA A 179 10.21 -15.70 19.63
CA ALA A 179 10.76 -17.03 19.82
C ALA A 179 9.68 -18.02 20.26
N ALA A 180 8.87 -17.63 21.24
CA ALA A 180 7.80 -18.48 21.76
C ALA A 180 6.83 -18.87 20.67
N ILE A 181 6.41 -17.90 19.87
CA ILE A 181 5.48 -18.16 18.77
C ILE A 181 6.12 -19.03 17.68
N PHE A 182 7.36 -18.71 17.31
CA PHE A 182 8.10 -19.53 16.33
C PHE A 182 8.23 -21.01 16.77
N GLU A 183 8.63 -21.21 18.03
CA GLU A 183 8.77 -22.57 18.55
C GLU A 183 7.44 -23.32 18.70
N SER A 184 6.36 -22.60 19.02
CA SER A 184 5.02 -23.18 19.05
C SER A 184 4.63 -23.70 17.65
N GLU A 185 5.28 -23.20 16.59
CA GLU A 185 5.08 -23.71 15.23
C GLU A 185 6.11 -24.78 14.85
N GLY A 186 7.08 -25.02 15.74
CA GLY A 186 8.15 -26.00 15.50
C GLY A 186 9.31 -25.50 14.66
N LEU A 187 9.43 -24.18 14.52
CA LEU A 187 10.50 -23.59 13.75
C LEU A 187 11.81 -23.73 14.53
N SER A 188 12.88 -24.22 13.87
CA SER A 188 14.22 -24.21 14.50
C SER A 188 14.76 -22.78 14.66
N PRO A 189 15.27 -22.43 15.85
CA PRO A 189 15.84 -21.10 16.09
C PRO A 189 16.98 -20.82 15.14
N SER A 190 17.67 -21.88 14.69
CA SER A 190 18.77 -21.74 13.71
C SER A 190 18.30 -21.14 12.37
N ARG A 191 16.98 -21.03 12.22
CA ARG A 191 16.41 -20.40 11.01
C ARG A 191 15.85 -18.99 11.25
N VAL A 192 16.20 -18.40 12.38
CA VAL A 192 15.59 -17.14 12.84
C VAL A 192 16.66 -16.15 13.31
N CYS A 193 16.63 -14.94 12.76
CA CYS A 193 17.45 -13.85 13.26
C CYS A 193 16.54 -12.86 13.99
N ILE A 194 16.84 -12.64 15.26
CA ILE A 194 16.16 -11.61 16.04
C ILE A 194 16.89 -10.27 15.81
N GLY A 195 16.29 -9.41 15.00
CA GLY A 195 16.89 -8.14 14.56
C GLY A 195 16.68 -6.91 15.43
N HIS A 196 17.39 -5.85 15.07
CA HIS A 196 17.46 -4.61 15.89
C HIS A 196 17.86 -4.88 17.35
N SER A 197 18.54 -6.00 17.54
CA SER A 197 18.98 -6.45 18.86
C SER A 197 20.07 -5.58 19.48
N ASP A 198 20.76 -4.75 18.68
CA ASP A 198 21.73 -3.80 19.23
C ASP A 198 21.02 -2.57 19.86
N ASP A 199 19.69 -2.57 19.79
CA ASP A 199 18.89 -1.54 20.46
C ASP A 199 18.81 -1.71 21.98
N THR A 200 19.20 -2.89 22.49
CA THR A 200 19.14 -3.16 23.92
C THR A 200 20.51 -3.31 24.58
N ASP A 201 20.58 -3.06 25.88
CA ASP A 201 21.82 -3.29 26.65
C ASP A 201 21.74 -4.59 27.45
N ASP A 202 20.56 -5.22 27.42
CA ASP A 202 20.28 -6.43 28.18
C ASP A 202 20.99 -7.65 27.57
N LEU A 203 22.25 -7.85 27.94
CA LEU A 203 23.03 -9.01 27.47
C LEU A 203 22.48 -10.34 27.97
N SER A 204 21.82 -10.33 29.10
CA SER A 204 21.16 -11.52 29.61
C SER A 204 20.09 -12.00 28.59
N TYR A 205 19.30 -11.06 28.11
CA TYR A 205 18.26 -11.35 27.12
C TYR A 205 18.89 -11.85 25.80
N LEU A 206 19.92 -11.15 25.32
CA LEU A 206 20.60 -11.50 24.05
C LEU A 206 21.29 -12.87 24.12
N THR A 207 22.02 -13.12 25.20
CA THR A 207 22.70 -14.42 25.34
C THR A 207 21.73 -15.58 25.58
N ALA A 208 20.61 -15.31 26.24
CA ALA A 208 19.67 -16.41 26.42
C ALA A 208 19.07 -16.84 25.07
N LEU A 209 18.74 -15.88 24.21
CA LEU A 209 18.30 -16.19 22.84
C LEU A 209 19.43 -16.87 22.05
N ALA A 210 20.64 -16.34 22.15
CA ALA A 210 21.71 -16.94 21.36
C ALA A 210 21.96 -18.41 21.78
N ALA A 211 21.91 -18.67 23.09
CA ALA A 211 22.10 -20.04 23.59
C ALA A 211 21.03 -21.03 23.11
N ARG A 212 19.82 -20.51 22.86
CA ARG A 212 18.73 -21.29 22.32
C ARG A 212 18.89 -21.54 20.82
N GLY A 213 19.89 -20.89 20.19
CA GLY A 213 20.16 -21.14 18.78
C GLY A 213 19.75 -20.05 17.82
N TYR A 214 19.16 -18.96 18.34
CA TYR A 214 18.77 -17.81 17.49
C TYR A 214 19.99 -17.08 16.96
N LEU A 215 19.86 -16.48 15.78
CA LEU A 215 20.82 -15.50 15.34
C LEU A 215 20.43 -14.13 15.91
N ILE A 216 21.43 -13.37 16.31
CA ILE A 216 21.18 -12.11 16.98
C ILE A 216 21.57 -11.05 15.98
N GLY A 217 20.59 -10.30 15.51
CA GLY A 217 20.82 -9.24 14.53
C GLY A 217 21.23 -7.91 15.15
N LEU A 218 22.54 -7.66 15.17
CA LEU A 218 23.14 -6.39 15.58
C LEU A 218 23.26 -5.53 14.32
N ASP A 219 22.13 -4.98 13.90
CA ASP A 219 21.99 -4.46 12.53
C ASP A 219 21.71 -2.96 12.43
N HIS A 220 21.80 -2.27 13.56
CA HIS A 220 21.50 -0.85 13.61
C HIS A 220 22.73 -0.03 13.91
N ILE A 221 23.93 -0.55 13.65
CA ILE A 221 25.11 0.01 14.32
C ILE A 221 25.34 1.55 14.10
N PRO A 222 25.22 2.03 12.84
CA PRO A 222 25.39 3.50 12.62
C PRO A 222 24.16 4.36 12.93
N HIS A 223 23.07 3.76 13.40
CA HIS A 223 21.86 4.52 13.75
C HIS A 223 22.04 5.23 15.10
N SER A 224 22.16 6.55 15.06
CA SER A 224 22.39 7.38 16.26
C SER A 224 22.13 8.83 15.90
N ALA A 225 21.42 9.53 16.79
CA ALA A 225 21.14 10.96 16.64
C ALA A 225 22.09 11.85 17.48
N ILE A 226 23.19 11.28 17.98
CA ILE A 226 24.22 12.10 18.61
C ILE A 226 24.70 13.22 17.71
N GLY A 227 24.63 14.45 18.21
CA GLY A 227 24.94 15.67 17.44
C GLY A 227 23.72 16.37 16.87
N LEU A 228 22.54 15.74 16.99
CA LEU A 228 21.26 16.29 16.53
C LEU A 228 20.15 15.85 17.48
N GLU A 229 20.48 15.80 18.76
CA GLU A 229 19.55 15.30 19.76
C GLU A 229 18.23 16.08 19.80
N ASP A 230 18.25 17.34 19.37
CA ASP A 230 17.03 18.16 19.38
C ASP A 230 16.20 18.05 18.10
N ASN A 231 16.65 17.17 17.21
CA ASN A 231 15.84 16.77 16.08
C ASN A 231 14.92 15.66 16.57
N ALA A 232 13.67 15.98 16.89
CA ALA A 232 12.78 15.00 17.54
C ALA A 232 12.53 13.81 16.62
N SER A 233 12.30 14.08 15.34
CA SER A 233 12.00 12.96 14.40
C SER A 233 13.18 12.01 14.23
N ALA A 234 14.39 12.57 14.09
CA ALA A 234 15.59 11.75 13.92
C ALA A 234 15.93 11.02 15.21
N SER A 235 15.77 11.70 16.33
CA SER A 235 16.08 11.06 17.59
C SER A 235 15.14 9.89 17.85
N ALA A 236 13.87 10.08 17.53
CA ALA A 236 12.87 9.01 17.74
C ALA A 236 13.23 7.79 16.91
N LEU A 237 13.73 8.02 15.70
CA LEU A 237 14.00 6.94 14.76
C LEU A 237 15.33 6.26 15.06
N LEU A 238 16.35 7.06 15.29
CA LEU A 238 17.70 6.58 15.31
C LEU A 238 18.17 6.27 16.74
N GLY A 239 17.51 6.87 17.73
CA GLY A 239 17.92 6.75 19.11
C GLY A 239 19.15 7.59 19.42
N ILE A 240 19.55 7.63 20.69
CA ILE A 240 20.74 8.39 21.05
C ILE A 240 21.87 7.56 21.65
N ARG A 241 21.80 6.24 21.46
CA ARG A 241 22.91 5.37 21.83
C ARG A 241 23.98 5.45 20.75
N SER A 242 25.24 5.58 21.14
CA SER A 242 26.27 5.82 20.14
C SER A 242 26.53 4.57 19.31
N TRP A 243 27.15 4.77 18.15
CA TRP A 243 27.50 3.63 17.33
C TRP A 243 28.52 2.75 18.04
N GLN A 244 29.44 3.37 18.78
CA GLN A 244 30.43 2.63 19.58
C GLN A 244 29.77 1.72 20.61
N THR A 245 28.73 2.21 21.27
CA THR A 245 27.96 1.42 22.25
C THR A 245 27.34 0.18 21.61
N ARG A 246 26.69 0.38 20.47
CA ARG A 246 26.13 -0.72 19.69
C ARG A 246 27.22 -1.70 19.26
N ALA A 247 28.32 -1.17 18.74
CA ALA A 247 29.39 -2.07 18.27
C ALA A 247 29.97 -2.91 19.40
N LEU A 248 30.07 -2.31 20.59
CA LEU A 248 30.67 -3.04 21.71
C LEU A 248 29.76 -4.21 22.11
N LEU A 249 28.49 -4.16 21.72
CA LEU A 249 27.64 -5.32 21.94
C LEU A 249 28.16 -6.49 21.12
N ILE A 250 28.64 -6.24 19.91
CA ILE A 250 29.25 -7.31 19.11
C ILE A 250 30.38 -7.99 19.90
N LYS A 251 31.30 -7.16 20.40
CA LYS A 251 32.43 -7.68 21.23
C LYS A 251 31.93 -8.43 22.45
N ALA A 252 30.92 -7.87 23.13
CA ALA A 252 30.34 -8.53 24.29
C ALA A 252 29.85 -9.95 24.00
N LEU A 253 29.11 -10.10 22.90
CA LEU A 253 28.59 -11.39 22.47
C LEU A 253 29.71 -12.34 22.10
N ILE A 254 30.73 -11.80 21.44
CA ILE A 254 31.92 -12.56 21.13
C ILE A 254 32.59 -13.07 22.41
N ASP A 255 32.79 -12.16 23.36
CA ASP A 255 33.46 -12.47 24.61
C ASP A 255 32.70 -13.49 25.47
N GLN A 256 31.39 -13.58 25.28
CA GLN A 256 30.63 -14.61 25.96
C GLN A 256 30.49 -15.92 25.18
N GLY A 257 31.16 -16.02 24.03
CA GLY A 257 31.28 -17.28 23.33
C GLY A 257 30.29 -17.49 22.19
N TYR A 258 29.52 -16.44 21.87
CA TYR A 258 28.41 -16.52 20.90
C TYR A 258 28.74 -15.99 19.49
N MET A 259 30.02 -16.01 19.12
CA MET A 259 30.39 -15.44 17.81
C MET A 259 29.61 -16.05 16.63
N LYS A 260 29.25 -17.33 16.74
CA LYS A 260 28.52 -17.97 15.63
C LYS A 260 27.04 -17.55 15.49
N GLN A 261 26.52 -16.85 16.49
CA GLN A 261 25.11 -16.45 16.55
C GLN A 261 24.94 -14.98 16.13
N ILE A 262 26.05 -14.33 15.81
CA ILE A 262 26.00 -12.89 15.51
C ILE A 262 25.85 -12.57 14.00
N LEU A 263 24.93 -11.68 13.66
CA LEU A 263 24.88 -11.13 12.31
C LEU A 263 24.84 -9.61 12.38
N VAL A 264 25.75 -8.95 11.66
CA VAL A 264 25.91 -7.50 11.76
C VAL A 264 25.50 -6.80 10.48
N SER A 265 24.94 -5.61 10.61
CA SER A 265 24.50 -4.87 9.43
C SER A 265 24.36 -3.39 9.76
N ASN A 266 24.05 -2.58 8.75
CA ASN A 266 23.88 -1.13 8.89
C ASN A 266 22.43 -0.69 9.01
N ASP A 267 21.53 -1.55 8.49
CA ASP A 267 20.16 -1.14 8.24
C ASP A 267 20.16 0.20 7.51
N TRP A 268 20.93 0.26 6.41
CA TRP A 268 20.98 1.47 5.59
C TRP A 268 19.95 1.44 4.46
N LEU A 269 19.78 2.58 3.77
CA LEU A 269 18.89 2.71 2.61
C LEU A 269 19.44 3.76 1.66
N PHE A 270 18.93 3.77 0.43
CA PHE A 270 19.33 4.80 -0.56
C PHE A 270 18.16 5.72 -0.85
N GLY A 271 17.01 5.31 -0.34
CA GLY A 271 15.75 6.06 -0.46
C GLY A 271 14.84 5.79 0.74
N PHE A 272 14.03 6.76 1.12
CA PHE A 272 13.24 6.63 2.36
C PHE A 272 12.03 7.58 2.26
N SER A 273 10.83 7.01 2.12
CA SER A 273 9.62 7.81 1.91
C SER A 273 8.55 7.59 3.00
N SER A 274 8.77 6.60 3.88
CA SER A 274 7.77 6.27 4.93
C SER A 274 7.89 7.09 6.22
N TYR A 275 8.74 8.12 6.20
CA TYR A 275 8.94 8.94 7.40
C TYR A 275 8.92 10.42 7.01
N VAL A 276 9.64 11.26 7.75
CA VAL A 276 9.75 12.67 7.35
C VAL A 276 10.47 12.77 5.99
N THR A 277 10.08 13.78 5.22
CA THR A 277 10.40 13.86 3.79
C THR A 277 11.88 13.74 3.51
N ASN A 278 12.72 14.43 4.28
CA ASN A 278 14.16 14.40 4.00
C ASN A 278 14.97 13.53 4.96
N ILE A 279 14.32 12.56 5.61
CA ILE A 279 15.05 11.71 6.54
C ILE A 279 16.31 11.04 5.92
N MET A 280 16.26 10.67 4.65
CA MET A 280 17.44 10.10 3.97
C MET A 280 18.65 11.06 4.02
N ASP A 281 18.41 12.34 3.79
CA ASP A 281 19.50 13.36 3.85
C ASP A 281 20.10 13.46 5.25
N VAL A 282 19.22 13.50 6.26
CA VAL A 282 19.65 13.52 7.64
C VAL A 282 20.49 12.28 7.94
N MET A 283 20.00 11.12 7.50
CA MET A 283 20.74 9.88 7.70
C MET A 283 22.12 9.89 7.01
N ASP A 284 22.18 10.39 5.78
CA ASP A 284 23.45 10.48 5.07
C ASP A 284 24.43 11.42 5.75
N ARG A 285 23.90 12.42 6.46
CA ARG A 285 24.72 13.37 7.24
C ARG A 285 25.29 12.69 8.52
N VAL A 286 24.51 11.78 9.12
CA VAL A 286 24.96 10.99 10.24
C VAL A 286 26.05 9.98 9.83
N ASN A 287 25.88 9.34 8.68
CA ASN A 287 26.73 8.26 8.23
C ASN A 287 27.04 8.36 6.74
N PRO A 288 28.00 9.21 6.37
CA PRO A 288 28.40 9.34 4.96
C PRO A 288 28.91 8.04 4.33
N ASP A 289 29.26 7.06 5.18
CA ASP A 289 29.84 5.81 4.69
C ASP A 289 28.73 4.90 4.19
N GLY A 290 27.49 5.19 4.59
CA GLY A 290 26.36 4.36 4.11
C GLY A 290 26.56 2.89 4.48
N MET A 291 26.38 1.98 3.52
CA MET A 291 26.56 0.53 3.79
C MET A 291 28.01 0.11 4.03
N ALA A 292 28.95 0.98 3.72
CA ALA A 292 30.37 0.70 3.99
C ALA A 292 30.74 0.98 5.46
N PHE A 293 29.79 1.47 6.25
CA PHE A 293 30.07 1.73 7.66
C PHE A 293 30.53 0.48 8.42
N ILE A 294 29.85 -0.64 8.25
CA ILE A 294 30.32 -1.88 8.89
C ILE A 294 31.79 -2.20 8.58
N PRO A 295 32.12 -2.38 7.29
CA PRO A 295 33.51 -2.77 6.94
C PRO A 295 34.55 -1.70 7.24
N LEU A 296 34.24 -0.43 6.94
CA LEU A 296 35.22 0.66 7.12
C LEU A 296 35.37 1.14 8.56
N ARG A 297 34.30 1.09 9.33
CA ARG A 297 34.33 1.71 10.67
C ARG A 297 34.25 0.68 11.81
N VAL A 298 33.25 -0.21 11.73
CA VAL A 298 33.01 -1.17 12.81
C VAL A 298 34.11 -2.23 12.92
N ILE A 299 34.56 -2.78 11.78
CA ILE A 299 35.52 -3.89 11.81
C ILE A 299 36.83 -3.37 12.41
N PRO A 300 37.32 -2.22 11.91
CA PRO A 300 38.55 -1.67 12.52
C PRO A 300 38.39 -1.27 13.96
N PHE A 301 37.21 -0.73 14.31
CA PHE A 301 36.93 -0.45 15.71
C PHE A 301 37.09 -1.72 16.57
N LEU A 302 36.50 -2.82 16.12
CA LEU A 302 36.60 -4.07 16.87
C LEU A 302 38.02 -4.64 16.87
N ARG A 303 38.72 -4.54 15.75
CA ARG A 303 40.12 -4.94 15.70
C ARG A 303 40.91 -4.22 16.79
N GLU A 304 40.79 -2.89 16.83
CA GLU A 304 41.44 -2.10 17.87
C GLU A 304 41.08 -2.55 19.28
N LYS A 305 39.86 -3.07 19.46
CA LYS A 305 39.42 -3.51 20.79
C LYS A 305 39.87 -4.94 21.07
N GLY A 306 40.66 -5.50 20.16
CA GLY A 306 41.25 -6.83 20.37
C GLY A 306 40.62 -8.01 19.66
N VAL A 307 39.49 -7.80 19.00
CA VAL A 307 38.85 -8.91 18.30
C VAL A 307 39.69 -9.29 17.09
N PRO A 308 40.12 -10.57 17.00
CA PRO A 308 40.86 -11.06 15.83
C PRO A 308 40.10 -11.01 14.50
N GLN A 309 40.81 -10.66 13.44
CA GLN A 309 40.24 -10.64 12.07
C GLN A 309 39.48 -11.92 11.74
N GLU A 310 40.02 -13.06 12.15
CA GLU A 310 39.38 -14.34 11.89
C GLU A 310 37.97 -14.47 12.51
N THR A 311 37.79 -13.91 13.70
CA THR A 311 36.47 -13.94 14.33
C THR A 311 35.54 -13.04 13.54
N LEU A 312 36.06 -11.91 13.09
CA LEU A 312 35.30 -10.95 12.33
C LEU A 312 34.91 -11.51 10.95
N ALA A 313 35.81 -12.25 10.30
CA ALA A 313 35.47 -12.90 9.03
C ALA A 313 34.40 -13.96 9.23
N GLY A 314 34.46 -14.64 10.38
CA GLY A 314 33.48 -15.67 10.71
C GLY A 314 32.11 -15.04 10.81
N ILE A 315 32.04 -13.88 11.46
CA ILE A 315 30.78 -13.16 11.63
C ILE A 315 30.22 -12.65 10.30
N THR A 316 31.09 -12.09 9.47
CA THR A 316 30.66 -11.36 8.28
C THR A 316 30.53 -12.23 7.03
N VAL A 317 31.16 -13.40 7.04
CA VAL A 317 31.12 -14.30 5.88
C VAL A 317 30.51 -15.66 6.22
N THR A 318 31.11 -16.34 7.17
CA THR A 318 30.64 -17.66 7.58
C THR A 318 29.21 -17.66 8.12
N ASN A 319 28.91 -16.80 9.10
CA ASN A 319 27.57 -16.79 9.69
C ASN A 319 26.42 -16.52 8.67
N PRO A 320 26.57 -15.49 7.80
CA PRO A 320 25.48 -15.23 6.85
C PRO A 320 25.22 -16.39 5.85
N ALA A 321 26.28 -17.03 5.36
CA ALA A 321 26.10 -18.17 4.46
C ALA A 321 25.34 -19.32 5.14
N ARG A 322 25.72 -19.63 6.38
CA ARG A 322 25.07 -20.67 7.13
C ARG A 322 23.60 -20.32 7.41
N PHE A 323 23.36 -19.04 7.67
CA PHE A 323 22.01 -18.54 7.95
C PHE A 323 21.15 -18.66 6.70
N LEU A 324 21.68 -18.17 5.58
CA LEU A 324 20.90 -18.05 4.35
C LEU A 324 20.66 -19.35 3.58
N SER A 325 21.64 -20.24 3.57
CA SER A 325 21.55 -21.47 2.76
C SER A 325 20.37 -22.33 3.27
N PRO A 326 19.36 -22.54 2.42
CA PRO A 326 18.16 -23.21 2.89
C PRO A 326 18.38 -24.55 3.61
N THR A 327 17.69 -24.68 4.74
CA THR A 327 17.71 -25.87 5.58
C THR A 327 16.62 -25.70 6.66
N LEU A 328 16.20 -26.83 7.25
CA LEU A 328 15.22 -26.77 8.34
C LEU A 328 15.96 -26.79 9.67
N ARG A 329 17.25 -27.11 9.65
CA ARG A 329 17.99 -27.13 10.90
C ARG A 329 19.46 -26.91 10.59
N ALA A 330 19.99 -25.74 10.97
CA ALA A 330 21.36 -25.38 10.55
C ALA A 330 22.40 -25.80 11.59
N ASP B 1 -13.83 21.60 -21.99
CA ASP B 1 -14.55 20.99 -23.16
C ASP B 1 -14.16 19.53 -23.40
N ARG B 2 -13.20 19.01 -22.63
CA ARG B 2 -12.85 17.58 -22.72
C ARG B 2 -12.75 16.93 -21.34
N ILE B 3 -13.11 15.66 -21.27
CA ILE B 3 -12.99 14.87 -20.05
C ILE B 3 -11.88 13.81 -20.25
N ASN B 4 -10.92 13.75 -19.32
CA ASN B 4 -9.85 12.73 -19.38
C ASN B 4 -10.38 11.32 -19.06
N THR B 5 -10.07 10.36 -19.94
CA THR B 5 -10.39 8.95 -19.72
C THR B 5 -9.13 8.13 -19.86
N VAL B 6 -9.24 6.83 -19.58
CA VAL B 6 -8.05 5.98 -19.65
C VAL B 6 -7.66 5.75 -21.09
N ARG B 7 -8.51 6.18 -22.02
CA ARG B 7 -8.12 6.16 -23.44
C ARG B 7 -7.93 7.56 -24.05
N GLY B 8 -7.67 8.55 -23.22
CA GLY B 8 -7.51 9.92 -23.71
C GLY B 8 -8.75 10.79 -23.49
N PRO B 9 -8.69 12.02 -23.97
CA PRO B 9 -9.77 12.99 -23.81
C PRO B 9 -11.00 12.56 -24.58
N ILE B 10 -12.17 12.73 -23.99
CA ILE B 10 -13.43 12.59 -24.73
C ILE B 10 -14.27 13.86 -24.59
N THR B 11 -15.20 14.07 -25.52
CA THR B 11 -16.12 15.20 -25.45
C THR B 11 -17.28 14.92 -24.49
N ILE B 12 -18.01 15.98 -24.14
CA ILE B 12 -19.20 15.81 -23.29
C ILE B 12 -20.24 14.93 -23.97
N SER B 13 -20.44 15.15 -25.26
CA SER B 13 -21.36 14.32 -26.02
C SER B 13 -20.99 12.85 -25.94
N GLU B 14 -19.71 12.55 -26.07
CA GLU B 14 -19.22 11.17 -26.08
C GLU B 14 -19.46 10.42 -24.75
N ALA B 15 -19.46 11.16 -23.65
CA ALA B 15 -19.61 10.54 -22.34
C ALA B 15 -20.93 9.78 -22.20
N GLY B 16 -22.01 10.38 -22.72
CA GLY B 16 -23.34 9.76 -22.66
C GLY B 16 -23.69 9.28 -21.24
N PHE B 17 -24.49 8.21 -21.16
CA PHE B 17 -24.95 7.67 -19.87
C PHE B 17 -23.71 7.32 -19.03
N THR B 18 -23.56 8.01 -17.90
CA THR B 18 -22.38 7.86 -17.05
C THR B 18 -22.73 7.45 -15.63
N LEU B 19 -22.14 6.32 -15.19
CA LEU B 19 -22.11 5.87 -13.78
C LEU B 19 -20.97 6.56 -13.06
N THR B 20 -21.30 7.37 -12.06
CA THR B 20 -20.29 8.27 -11.46
C THR B 20 -19.47 7.76 -10.26
N HIS B 21 -19.77 6.56 -9.75
CA HIS B 21 -18.99 5.98 -8.66
C HIS B 21 -18.98 4.44 -8.82
N GLU B 22 -17.89 3.95 -9.42
CA GLU B 22 -17.71 2.52 -9.68
C GLU B 22 -16.27 2.12 -9.45
N HIS B 23 -15.99 0.83 -9.55
CA HIS B 23 -14.63 0.32 -9.42
C HIS B 23 -14.45 -0.84 -10.37
N ILE B 24 -13.35 -0.87 -11.12
CA ILE B 24 -12.96 -2.14 -11.74
C ILE B 24 -12.54 -3.17 -10.67
N CYS B 25 -11.69 -2.74 -9.74
CA CYS B 25 -11.21 -3.65 -8.71
C CYS B 25 -10.92 -2.86 -7.45
N GLY B 26 -11.58 -3.20 -6.34
CA GLY B 26 -11.27 -2.57 -5.04
C GLY B 26 -10.22 -3.37 -4.29
N SER B 27 -9.01 -2.81 -4.19
CA SER B 27 -7.86 -3.53 -3.66
C SER B 27 -6.99 -2.57 -2.82
N SER B 28 -5.67 -2.76 -2.90
CA SER B 28 -4.72 -1.93 -2.20
C SER B 28 -3.50 -1.68 -3.10
N ALA B 29 -2.78 -0.58 -2.87
CA ALA B 29 -1.60 -0.28 -3.67
C ALA B 29 -0.68 -1.50 -3.79
N GLY B 30 -0.32 -1.82 -5.02
CA GLY B 30 0.64 -2.92 -5.33
C GLY B 30 0.10 -4.34 -5.23
N PHE B 31 -1.12 -4.49 -4.77
CA PHE B 31 -1.58 -5.82 -4.35
C PHE B 31 -1.92 -6.68 -5.57
N LEU B 32 -2.62 -6.09 -6.54
CA LEU B 32 -3.00 -6.83 -7.74
C LEU B 32 -1.77 -7.42 -8.47
N ARG B 33 -0.68 -6.67 -8.52
CA ARG B 33 0.51 -7.17 -9.18
C ARG B 33 1.31 -8.13 -8.32
N ALA B 34 1.26 -7.96 -7.00
CA ALA B 34 1.97 -8.88 -6.09
C ALA B 34 1.26 -10.24 -5.88
N TRP B 35 -0.07 -10.24 -5.92
CA TRP B 35 -0.88 -11.40 -5.57
C TRP B 35 -2.11 -11.52 -6.49
N PRO B 36 -1.90 -11.64 -7.81
CA PRO B 36 -3.01 -11.70 -8.75
C PRO B 36 -3.87 -12.94 -8.54
N GLU B 37 -3.27 -14.01 -8.01
CA GLU B 37 -4.01 -15.24 -7.78
C GLU B 37 -5.07 -15.08 -6.71
N PHE B 38 -4.98 -14.01 -5.91
CA PHE B 38 -6.08 -13.68 -5.02
C PHE B 38 -7.41 -13.58 -5.78
N PHE B 39 -7.34 -13.14 -7.03
CA PHE B 39 -8.52 -12.88 -7.88
C PHE B 39 -8.70 -14.03 -8.85
N GLY B 40 -8.10 -15.18 -8.53
CA GLY B 40 -8.00 -16.29 -9.49
C GLY B 40 -6.77 -16.08 -10.35
N SER B 41 -6.82 -15.05 -11.21
CA SER B 41 -5.65 -14.57 -11.97
C SER B 41 -5.97 -13.16 -12.45
N ARG B 42 -4.95 -12.44 -12.90
CA ARG B 42 -5.21 -11.15 -13.54
C ARG B 42 -6.12 -11.33 -14.77
N LYS B 43 -5.81 -12.33 -15.58
CA LYS B 43 -6.65 -12.65 -16.74
C LYS B 43 -8.13 -12.92 -16.37
N ALA B 44 -8.38 -13.64 -15.29
CA ALA B 44 -9.75 -13.96 -14.88
C ALA B 44 -10.49 -12.70 -14.46
N LEU B 45 -9.79 -11.87 -13.72
CA LEU B 45 -10.33 -10.59 -13.26
C LEU B 45 -10.70 -9.72 -14.46
N ALA B 46 -9.78 -9.58 -15.42
CA ALA B 46 -10.02 -8.77 -16.59
C ALA B 46 -11.23 -9.29 -17.37
N GLU B 47 -11.28 -10.61 -17.57
CA GLU B 47 -12.40 -11.22 -18.30
C GLU B 47 -13.75 -10.97 -17.61
N LYS B 48 -13.78 -11.04 -16.29
CA LYS B 48 -14.98 -10.77 -15.51
C LYS B 48 -15.44 -9.30 -15.70
N ALA B 49 -14.46 -8.40 -15.67
CA ALA B 49 -14.74 -6.97 -15.85
C ALA B 49 -15.24 -6.69 -17.27
N VAL B 50 -14.65 -7.36 -18.25
CA VAL B 50 -15.07 -7.13 -19.64
C VAL B 50 -16.52 -7.61 -19.79
N ARG B 51 -16.83 -8.79 -19.26
CA ARG B 51 -18.21 -9.30 -19.34
C ARG B 51 -19.22 -8.35 -18.71
N GLY B 52 -18.87 -7.81 -17.54
CA GLY B 52 -19.74 -6.91 -16.78
C GLY B 52 -19.88 -5.59 -17.50
N LEU B 53 -18.77 -5.07 -18.02
CA LEU B 53 -18.84 -3.80 -18.71
C LEU B 53 -19.65 -3.96 -19.99
N ARG B 54 -19.54 -5.10 -20.68
CA ARG B 54 -20.34 -5.31 -21.90
C ARG B 54 -21.84 -5.37 -21.58
N ARG B 55 -22.18 -6.02 -20.47
CA ARG B 55 -23.57 -6.05 -20.05
C ARG B 55 -24.09 -4.67 -19.68
N ALA B 56 -23.29 -3.91 -18.93
CA ALA B 56 -23.64 -2.52 -18.67
C ALA B 56 -23.87 -1.71 -19.95
N ARG B 57 -23.00 -1.90 -20.94
CA ARG B 57 -23.07 -1.14 -22.18
C ARG B 57 -24.35 -1.50 -22.94
N ALA B 58 -24.64 -2.79 -22.99
CA ALA B 58 -25.84 -3.26 -23.65
C ALA B 58 -27.07 -2.62 -23.01
N ALA B 59 -26.99 -2.33 -21.70
CA ALA B 59 -28.10 -1.74 -20.98
C ALA B 59 -28.13 -0.22 -21.07
N GLY B 60 -27.14 0.35 -21.74
CA GLY B 60 -27.15 1.79 -22.01
C GLY B 60 -25.96 2.59 -21.50
N VAL B 61 -25.14 1.97 -20.64
CA VAL B 61 -24.01 2.71 -20.04
C VAL B 61 -22.94 2.98 -21.10
N ARG B 62 -22.39 4.19 -21.09
CA ARG B 62 -21.35 4.52 -22.08
C ARG B 62 -20.02 4.88 -21.41
N THR B 63 -20.11 5.29 -20.14
CA THR B 63 -18.94 5.71 -19.35
C THR B 63 -19.11 5.29 -17.89
N ILE B 64 -18.02 4.85 -17.27
CA ILE B 64 -17.98 4.76 -15.81
C ILE B 64 -16.83 5.61 -15.27
N VAL B 65 -17.04 6.13 -14.07
CA VAL B 65 -15.97 6.81 -13.37
C VAL B 65 -15.47 5.82 -12.31
N ASP B 66 -14.24 5.35 -12.50
CA ASP B 66 -13.63 4.44 -11.55
C ASP B 66 -12.98 5.31 -10.47
N VAL B 67 -13.61 5.32 -9.29
CA VAL B 67 -13.13 6.21 -8.19
C VAL B 67 -12.08 5.54 -7.29
N SER B 68 -11.42 4.52 -7.85
CA SER B 68 -10.33 3.83 -7.15
C SER B 68 -9.13 4.77 -7.12
N THR B 69 -8.66 5.08 -5.91
CA THR B 69 -7.44 5.85 -5.73
C THR B 69 -6.22 4.93 -5.66
N PHE B 70 -5.04 5.55 -5.56
CA PHE B 70 -3.79 4.88 -5.24
C PHE B 70 -3.98 3.78 -4.18
N ASP B 71 -4.61 4.13 -3.05
CA ASP B 71 -4.71 3.21 -1.90
C ASP B 71 -5.85 2.20 -2.01
N ILE B 72 -6.71 2.38 -3.03
CA ILE B 72 -7.67 1.34 -3.43
C ILE B 72 -6.97 0.39 -4.44
N GLY B 73 -5.66 0.64 -4.68
CA GLY B 73 -4.88 -0.22 -5.55
C GLY B 73 -5.29 -0.09 -7.01
N ARG B 74 -5.84 1.06 -7.37
CA ARG B 74 -6.10 1.42 -8.77
C ARG B 74 -4.94 0.96 -9.67
N ASP B 75 -5.25 0.25 -10.74
CA ASP B 75 -4.25 -0.14 -11.73
C ASP B 75 -4.73 0.38 -13.06
N VAL B 76 -4.28 1.57 -13.48
CA VAL B 76 -4.85 2.17 -14.67
C VAL B 76 -4.60 1.36 -15.93
N SER B 77 -3.54 0.54 -15.95
N SER B 77 -3.53 0.55 -15.95
CA SER B 77 -3.27 -0.30 -17.14
CA SER B 77 -3.27 -0.29 -17.11
C SER B 77 -4.36 -1.37 -17.31
C SER B 77 -4.42 -1.27 -17.31
N LEU B 78 -4.91 -1.83 -16.19
CA LEU B 78 -6.01 -2.79 -16.24
C LEU B 78 -7.25 -2.03 -16.70
N LEU B 79 -7.47 -0.82 -16.16
CA LEU B 79 -8.59 0.01 -16.61
C LEU B 79 -8.54 0.23 -18.13
N ALA B 80 -7.40 0.66 -18.66
CA ALA B 80 -7.27 0.86 -20.12
C ALA B 80 -7.61 -0.44 -20.90
N GLU B 81 -7.16 -1.58 -20.39
CA GLU B 81 -7.37 -2.85 -21.08
C GLU B 81 -8.85 -3.20 -21.15
N VAL B 82 -9.55 -3.10 -20.02
CA VAL B 82 -10.97 -3.46 -20.00
C VAL B 82 -11.84 -2.39 -20.68
N SER B 83 -11.41 -1.12 -20.64
CA SER B 83 -12.15 -0.05 -21.32
C SER B 83 -12.14 -0.34 -22.83
N ARG B 84 -10.96 -0.64 -23.34
CA ARG B 84 -10.81 -1.04 -24.75
C ARG B 84 -11.67 -2.25 -25.13
N ALA B 85 -11.55 -3.32 -24.35
CA ALA B 85 -12.20 -4.58 -24.68
C ALA B 85 -13.73 -4.44 -24.66
N ALA B 86 -14.26 -3.70 -23.68
CA ALA B 86 -15.71 -3.53 -23.52
C ALA B 86 -16.28 -2.35 -24.31
N ASP B 87 -15.39 -1.52 -24.85
CA ASP B 87 -15.84 -0.28 -25.49
C ASP B 87 -16.70 0.62 -24.58
N VAL B 88 -16.25 0.78 -23.35
CA VAL B 88 -16.91 1.66 -22.39
C VAL B 88 -15.82 2.61 -21.90
N HIS B 89 -16.10 3.92 -21.93
CA HIS B 89 -15.15 4.92 -21.39
C HIS B 89 -14.95 4.76 -19.88
N ILE B 90 -13.71 4.89 -19.45
CA ILE B 90 -13.44 4.85 -18.01
C ILE B 90 -12.64 6.10 -17.58
N VAL B 91 -13.23 6.87 -16.68
CA VAL B 91 -12.50 7.99 -16.08
C VAL B 91 -11.79 7.47 -14.84
N ALA B 92 -10.49 7.77 -14.74
CA ALA B 92 -9.68 7.35 -13.60
C ALA B 92 -9.61 8.47 -12.57
N ALA B 93 -9.27 8.09 -11.35
CA ALA B 93 -9.25 8.98 -10.21
C ALA B 93 -7.86 9.16 -9.60
N THR B 94 -7.62 10.35 -9.04
CA THR B 94 -6.56 10.56 -8.09
C THR B 94 -7.19 10.77 -6.69
N GLY B 95 -6.42 11.29 -5.73
CA GLY B 95 -6.86 11.42 -4.35
C GLY B 95 -6.43 10.26 -3.48
N LEU B 96 -7.01 10.18 -2.27
CA LEU B 96 -6.78 9.07 -1.33
C LEU B 96 -8.05 8.69 -0.58
N TRP B 97 -8.21 7.37 -0.36
CA TRP B 97 -9.34 6.76 0.31
C TRP B 97 -8.89 6.59 1.75
N PHE B 98 -9.47 5.64 2.48
CA PHE B 98 -9.14 5.60 3.89
C PHE B 98 -8.09 4.55 4.27
N ASP B 99 -7.29 4.09 3.31
CA ASP B 99 -6.18 3.18 3.60
C ASP B 99 -4.80 3.67 3.12
N PRO B 100 -4.44 4.95 3.38
CA PRO B 100 -3.15 5.42 2.86
C PRO B 100 -1.97 4.81 3.63
N PRO B 101 -0.88 4.43 2.93
CA PRO B 101 0.26 3.86 3.65
C PRO B 101 1.10 4.99 4.25
N LEU B 102 2.15 4.64 5.00
CA LEU B 102 2.95 5.63 5.71
C LEU B 102 3.54 6.67 4.73
N SER B 103 3.98 6.22 3.55
CA SER B 103 4.58 7.12 2.57
C SER B 103 3.62 8.22 2.11
N MET B 104 2.32 7.96 2.27
CA MET B 104 1.29 8.97 2.03
C MET B 104 0.94 9.72 3.33
N ARG B 105 0.69 8.99 4.42
CA ARG B 105 0.20 9.60 5.68
C ARG B 105 1.17 10.60 6.28
N LEU B 106 2.44 10.51 5.89
CA LEU B 106 3.47 11.38 6.47
C LEU B 106 3.64 12.68 5.68
N ARG B 107 2.88 12.83 4.59
CA ARG B 107 3.04 13.97 3.66
C ARG B 107 2.22 15.17 4.07
N SER B 108 2.73 16.33 3.68
CA SER B 108 2.13 17.63 4.02
C SER B 108 1.03 17.96 2.99
N VAL B 109 0.25 19.02 3.25
CA VAL B 109 -0.78 19.44 2.30
C VAL B 109 -0.16 19.84 0.98
N GLU B 110 1.00 20.49 1.03
CA GLU B 110 1.66 20.87 -0.21
C GLU B 110 2.12 19.66 -1.01
N GLU B 111 2.68 18.67 -0.35
CA GLU B 111 3.08 17.42 -1.01
C GLU B 111 1.92 16.65 -1.61
N LEU B 112 0.86 16.46 -0.82
CA LEU B 112 -0.34 15.83 -1.38
C LEU B 112 -0.88 16.59 -2.58
N THR B 113 -0.85 17.93 -2.50
CA THR B 113 -1.32 18.72 -3.65
C THR B 113 -0.46 18.42 -4.90
N GLN B 114 0.86 18.37 -4.72
CA GLN B 114 1.76 18.02 -5.82
C GLN B 114 1.39 16.66 -6.43
N PHE B 115 1.16 15.66 -5.56
CA PHE B 115 0.81 14.30 -6.02
C PHE B 115 -0.52 14.27 -6.78
N PHE B 116 -1.56 14.86 -6.20
CA PHE B 116 -2.85 14.90 -6.93
C PHE B 116 -2.72 15.64 -8.26
N LEU B 117 -1.96 16.75 -8.26
CA LEU B 117 -1.75 17.50 -9.50
C LEU B 117 -0.97 16.66 -10.54
N ARG B 118 0.03 15.90 -10.11
CA ARG B 118 0.79 15.07 -11.01
C ARG B 118 -0.16 14.11 -11.75
N GLU B 119 -1.01 13.43 -10.99
CA GLU B 119 -1.90 12.42 -11.57
C GLU B 119 -2.96 13.02 -12.53
N ILE B 120 -3.33 14.27 -12.30
CA ILE B 120 -4.25 15.00 -13.19
C ILE B 120 -3.54 15.60 -14.41
N GLN B 121 -2.41 16.27 -14.15
CA GLN B 121 -1.77 17.13 -15.17
C GLN B 121 -0.71 16.41 -15.98
N TYR B 122 -0.01 15.48 -15.32
CA TYR B 122 1.10 14.76 -15.97
C TYR B 122 0.71 13.34 -16.39
N GLY B 123 0.20 12.58 -15.43
CA GLY B 123 -0.20 11.19 -15.69
C GLY B 123 -0.06 10.33 -14.45
N ILE B 124 -0.71 9.17 -14.48
CA ILE B 124 -0.61 8.19 -13.40
C ILE B 124 0.56 7.22 -13.69
N GLU B 125 1.45 7.08 -12.70
CA GLU B 125 2.62 6.24 -12.84
C GLU B 125 3.32 6.66 -14.13
N ASP B 126 3.75 5.70 -14.95
CA ASP B 126 4.39 6.02 -16.22
C ASP B 126 3.50 5.75 -17.45
N THR B 127 2.19 5.81 -17.26
CA THR B 127 1.22 5.41 -18.28
C THR B 127 0.76 6.56 -19.18
N GLY B 128 1.01 7.79 -18.74
CA GLY B 128 0.47 8.97 -19.38
C GLY B 128 -1.05 9.10 -19.29
N ILE B 129 -1.71 8.19 -18.57
CA ILE B 129 -3.15 8.30 -18.37
C ILE B 129 -3.46 9.32 -17.23
N ARG B 130 -4.26 10.34 -17.53
CA ARG B 130 -4.50 11.41 -16.58
C ARG B 130 -5.85 11.23 -15.90
N ALA B 131 -5.89 11.44 -14.57
CA ALA B 131 -7.15 11.46 -13.80
C ALA B 131 -8.15 12.56 -14.19
N GLY B 132 -9.44 12.20 -14.15
CA GLY B 132 -10.52 13.14 -14.41
C GLY B 132 -11.39 13.40 -13.20
N ILE B 133 -11.00 12.85 -12.06
CA ILE B 133 -11.72 13.12 -10.81
C ILE B 133 -10.78 12.93 -9.62
N ILE B 134 -11.12 13.60 -8.51
CA ILE B 134 -10.36 13.46 -7.26
C ILE B 134 -11.27 12.86 -6.18
N KCX B 135 -10.84 11.77 -5.60
CA KCX B 135 -11.62 11.01 -4.60
CB KCX B 135 -11.68 9.55 -5.02
CG KCX B 135 -12.17 8.61 -3.90
CD KCX B 135 -13.64 8.80 -3.54
CE KCX B 135 -14.08 7.74 -2.50
NZ KCX B 135 -14.10 6.41 -3.11
C KCX B 135 -11.00 11.20 -3.24
O KCX B 135 -9.81 11.08 -3.07
CX KCX B 135 -14.90 5.43 -2.69
OQ1 KCX B 135 -14.89 4.29 -3.27
OQ2 KCX B 135 -15.66 5.67 -1.71
N VAL B 136 -11.82 11.55 -2.28
CA VAL B 136 -11.36 11.66 -0.90
C VAL B 136 -12.32 10.90 0.03
N ALA B 137 -11.89 10.72 1.27
CA ALA B 137 -12.69 9.96 2.21
C ALA B 137 -12.53 10.42 3.66
N THR B 138 -13.63 10.40 4.40
CA THR B 138 -13.64 10.48 5.87
C THR B 138 -14.60 9.37 6.33
N THR B 139 -14.48 8.95 7.59
CA THR B 139 -15.42 8.01 8.21
C THR B 139 -15.68 8.57 9.61
N GLY B 140 -16.52 9.60 9.68
CA GLY B 140 -16.63 10.38 10.90
C GLY B 140 -15.79 11.64 10.78
N LYS B 141 -15.62 12.35 11.89
CA LYS B 141 -14.83 13.58 11.90
C LYS B 141 -13.45 13.32 11.29
N ALA B 142 -13.00 14.20 10.40
CA ALA B 142 -11.71 13.99 9.72
C ALA B 142 -10.54 13.90 10.69
N THR B 143 -9.62 12.96 10.46
CA THR B 143 -8.34 12.94 11.14
C THR B 143 -7.51 14.12 10.63
N PRO B 144 -6.45 14.50 11.36
CA PRO B 144 -5.57 15.56 10.84
C PRO B 144 -5.11 15.24 9.43
N PHE B 145 -4.77 13.98 9.17
CA PHE B 145 -4.30 13.64 7.83
C PHE B 145 -5.44 13.82 6.78
N GLN B 146 -6.63 13.39 7.14
CA GLN B 146 -7.75 13.56 6.19
C GLN B 146 -8.05 15.05 5.91
N GLU B 147 -7.88 15.93 6.90
CA GLU B 147 -8.01 17.36 6.62
C GLU B 147 -7.04 17.81 5.52
N LEU B 148 -5.78 17.36 5.61
CA LEU B 148 -4.79 17.66 4.58
C LEU B 148 -5.24 17.10 3.24
N VAL B 149 -5.80 15.87 3.24
CA VAL B 149 -6.25 15.29 1.97
C VAL B 149 -7.36 16.13 1.32
N LEU B 150 -8.32 16.56 2.14
CA LEU B 150 -9.45 17.33 1.65
C LEU B 150 -9.00 18.69 1.18
N LYS B 151 -8.06 19.32 1.91
CA LYS B 151 -7.53 20.61 1.47
C LYS B 151 -6.75 20.49 0.18
N ALA B 152 -5.93 19.44 0.08
CA ALA B 152 -5.11 19.22 -1.11
C ALA B 152 -6.01 18.95 -2.31
N ALA B 153 -7.07 18.17 -2.10
CA ALA B 153 -8.10 17.91 -3.13
C ALA B 153 -8.76 19.21 -3.64
N ALA B 154 -9.17 20.07 -2.70
CA ALA B 154 -9.74 21.35 -3.07
C ALA B 154 -8.75 22.18 -3.92
N ARG B 155 -7.50 22.20 -3.49
CA ARG B 155 -6.48 22.95 -4.20
C ARG B 155 -6.20 22.38 -5.59
N ALA B 156 -6.09 21.05 -5.72
CA ALA B 156 -5.93 20.42 -7.04
C ALA B 156 -7.10 20.78 -7.96
N SER B 157 -8.30 20.73 -7.40
CA SER B 157 -9.50 21.05 -8.14
C SER B 157 -9.53 22.52 -8.55
N LEU B 158 -9.11 23.40 -7.64
CA LEU B 158 -9.08 24.84 -7.93
C LEU B 158 -8.04 25.16 -9.00
N ALA B 159 -6.99 24.34 -9.10
CA ALA B 159 -5.95 24.58 -10.11
C ALA B 159 -6.24 23.96 -11.50
N THR B 160 -7.17 23.02 -11.57
CA THR B 160 -7.37 22.21 -12.78
C THR B 160 -8.82 22.13 -13.30
N GLY B 161 -9.78 22.43 -12.44
CA GLY B 161 -11.17 22.30 -12.79
C GLY B 161 -11.75 20.90 -12.63
N VAL B 162 -10.93 19.92 -12.23
CA VAL B 162 -11.37 18.55 -12.09
C VAL B 162 -12.17 18.45 -10.78
N PRO B 163 -13.32 17.77 -10.81
CA PRO B 163 -14.15 17.76 -9.59
C PRO B 163 -13.66 16.79 -8.51
N VAL B 164 -14.23 16.95 -7.32
CA VAL B 164 -13.91 16.13 -6.16
C VAL B 164 -15.14 15.29 -5.82
N THR B 165 -14.91 14.04 -5.41
CA THR B 165 -16.02 13.16 -5.04
C THR B 165 -15.61 12.48 -3.71
N THR B 166 -16.55 12.22 -2.81
CA THR B 166 -16.18 11.81 -1.45
C THR B 166 -16.80 10.49 -1.01
N HIS B 167 -16.06 9.78 -0.16
CA HIS B 167 -16.62 8.70 0.64
C HIS B 167 -17.11 9.35 1.94
N THR B 168 -18.35 9.06 2.35
CA THR B 168 -18.80 9.43 3.68
C THR B 168 -19.26 8.18 4.46
N ALA B 169 -19.24 8.29 5.79
CA ALA B 169 -20.15 7.51 6.64
C ALA B 169 -21.39 8.40 6.85
N ALA B 170 -22.42 8.26 6.01
CA ALA B 170 -23.54 9.25 5.99
C ALA B 170 -24.28 9.39 7.33
N SER B 171 -24.26 8.30 8.09
CA SER B 171 -24.88 8.20 9.39
C SER B 171 -24.20 9.16 10.34
N GLN B 172 -22.95 9.50 10.01
CA GLN B 172 -22.19 10.47 10.78
C GLN B 172 -22.37 11.90 10.25
N ARG B 173 -23.21 12.06 9.22
CA ARG B 173 -23.39 13.36 8.56
C ARG B 173 -22.06 13.99 8.15
N ASP B 174 -21.09 13.16 7.77
CA ASP B 174 -19.75 13.62 7.31
C ASP B 174 -19.76 14.72 6.27
N GLY B 175 -20.76 14.74 5.39
CA GLY B 175 -20.80 15.73 4.32
C GLY B 175 -20.78 17.13 4.86
N GLU B 176 -21.29 17.33 6.08
CA GLU B 176 -21.33 18.70 6.58
C GLU B 176 -19.92 19.17 6.85
N GLN B 177 -19.11 18.33 7.50
CA GLN B 177 -17.74 18.76 7.77
C GLN B 177 -16.92 18.83 6.49
N GLN B 178 -17.14 17.86 5.58
CA GLN B 178 -16.46 17.89 4.30
C GLN B 178 -16.71 19.23 3.60
N ALA B 179 -17.99 19.60 3.51
CA ALA B 179 -18.39 20.89 2.94
C ALA B 179 -17.71 22.09 3.62
N ALA B 180 -17.67 22.09 4.95
CA ALA B 180 -17.00 23.15 5.72
C ALA B 180 -15.54 23.28 5.32
N ILE B 181 -14.83 22.15 5.23
CA ILE B 181 -13.41 22.15 4.87
C ILE B 181 -13.19 22.61 3.42
N PHE B 182 -13.98 22.08 2.50
CA PHE B 182 -13.95 22.50 1.08
C PHE B 182 -14.17 24.02 0.91
N GLU B 183 -15.20 24.54 1.59
CA GLU B 183 -15.54 25.96 1.48
C GLU B 183 -14.48 26.86 2.12
N SER B 184 -13.81 26.36 3.16
CA SER B 184 -12.69 27.08 3.81
C SER B 184 -11.51 27.26 2.84
N GLU B 185 -11.44 26.42 1.81
CA GLU B 185 -10.43 26.55 0.77
C GLU B 185 -10.97 27.34 -0.43
N GLY B 186 -12.24 27.74 -0.34
CA GLY B 186 -12.93 28.43 -1.42
C GLY B 186 -13.38 27.58 -2.59
N LEU B 187 -13.45 26.26 -2.41
CA LEU B 187 -13.92 25.37 -3.47
C LEU B 187 -15.44 25.58 -3.71
N SER B 188 -15.84 25.69 -4.98
CA SER B 188 -17.27 25.76 -5.30
C SER B 188 -17.97 24.40 -5.06
N PRO B 189 -19.10 24.44 -4.32
CA PRO B 189 -19.87 23.21 -4.09
C PRO B 189 -20.26 22.51 -5.40
N SER B 190 -20.37 23.28 -6.48
CA SER B 190 -20.65 22.71 -7.82
C SER B 190 -19.58 21.73 -8.36
N ARG B 191 -18.43 21.70 -7.68
CA ARG B 191 -17.31 20.84 -8.06
C ARG B 191 -17.11 19.67 -7.10
N VAL B 192 -18.13 19.43 -6.27
CA VAL B 192 -18.09 18.46 -5.18
C VAL B 192 -19.34 17.57 -5.16
N CYS B 193 -19.11 16.25 -5.16
CA CYS B 193 -20.16 15.27 -4.94
C CYS B 193 -19.95 14.63 -3.57
N ILE B 194 -20.97 14.73 -2.73
CA ILE B 194 -20.94 14.08 -1.43
C ILE B 194 -21.48 12.67 -1.65
N GLY B 195 -20.58 11.70 -1.59
CA GLY B 195 -20.91 10.29 -1.88
C GLY B 195 -21.52 9.44 -0.78
N HIS B 196 -21.99 8.26 -1.17
CA HIS B 196 -22.68 7.30 -0.31
C HIS B 196 -23.86 7.95 0.46
N SER B 197 -24.44 8.99 -0.13
CA SER B 197 -25.47 9.76 0.54
C SER B 197 -26.79 9.02 0.66
N ASP B 198 -26.93 7.95 -0.10
CA ASP B 198 -28.13 7.12 0.01
C ASP B 198 -28.09 6.21 1.27
N ASP B 199 -27.01 6.30 2.03
CA ASP B 199 -26.86 5.52 3.28
C ASP B 199 -27.71 6.10 4.41
N THR B 200 -28.20 7.31 4.23
CA THR B 200 -29.03 7.89 5.29
C THR B 200 -30.48 7.90 4.84
N ASP B 201 -31.40 7.89 5.79
CA ASP B 201 -32.79 8.25 5.50
C ASP B 201 -33.10 9.69 5.88
N ASP B 202 -32.09 10.41 6.41
CA ASP B 202 -32.30 11.81 6.81
C ASP B 202 -32.33 12.75 5.63
N LEU B 203 -33.52 12.98 5.09
CA LEU B 203 -33.65 13.81 3.89
C LEU B 203 -33.21 15.25 4.08
N SER B 204 -33.36 15.79 5.29
CA SER B 204 -33.08 17.22 5.50
C SER B 204 -31.59 17.47 5.45
N TYR B 205 -30.82 16.47 5.87
CA TYR B 205 -29.37 16.52 5.71
C TYR B 205 -28.98 16.63 4.22
N LEU B 206 -29.58 15.79 3.38
CA LEU B 206 -29.32 15.83 1.93
C LEU B 206 -29.82 17.11 1.27
N THR B 207 -31.07 17.50 1.57
CA THR B 207 -31.62 18.73 0.96
C THR B 207 -30.82 19.95 1.34
N ALA B 208 -30.33 20.00 2.58
CA ALA B 208 -29.58 21.16 3.03
C ALA B 208 -28.25 21.31 2.26
N LEU B 209 -27.59 20.18 1.97
CA LEU B 209 -26.35 20.18 1.17
C LEU B 209 -26.70 20.56 -0.27
N ALA B 210 -27.80 20.00 -0.78
CA ALA B 210 -28.22 20.30 -2.15
C ALA B 210 -28.53 21.77 -2.33
N ALA B 211 -29.16 22.37 -1.31
CA ALA B 211 -29.51 23.79 -1.31
C ALA B 211 -28.26 24.67 -1.39
N ARG B 212 -27.15 24.15 -0.89
CA ARG B 212 -25.86 24.85 -0.95
C ARG B 212 -25.11 24.62 -2.28
N GLY B 213 -25.69 23.79 -3.16
CA GLY B 213 -25.12 23.56 -4.48
C GLY B 213 -24.26 22.32 -4.61
N TYR B 214 -24.14 21.55 -3.52
CA TYR B 214 -23.42 20.24 -3.57
C TYR B 214 -24.13 19.27 -4.50
N LEU B 215 -23.35 18.44 -5.18
CA LEU B 215 -23.95 17.27 -5.82
C LEU B 215 -24.09 16.16 -4.77
N ILE B 216 -25.17 15.40 -4.89
CA ILE B 216 -25.54 14.34 -3.94
C ILE B 216 -25.37 12.98 -4.61
N GLY B 217 -24.37 12.24 -4.13
CA GLY B 217 -24.02 10.94 -4.68
C GLY B 217 -24.85 9.80 -4.12
N LEU B 218 -25.94 9.45 -4.82
CA LEU B 218 -26.77 8.31 -4.43
C LEU B 218 -26.23 7.09 -5.18
N ASP B 219 -25.13 6.55 -4.65
CA ASP B 219 -24.25 5.62 -5.40
C ASP B 219 -24.17 4.21 -4.80
N HIS B 220 -25.00 3.94 -3.79
CA HIS B 220 -24.96 2.64 -3.14
C HIS B 220 -26.25 1.85 -3.38
N ILE B 221 -26.98 2.14 -4.47
CA ILE B 221 -28.36 1.67 -4.58
C ILE B 221 -28.54 0.13 -4.41
N PRO B 222 -27.73 -0.69 -5.12
CA PRO B 222 -27.90 -2.14 -4.95
C PRO B 222 -27.22 -2.73 -3.70
N HIS B 223 -26.55 -1.90 -2.89
CA HIS B 223 -25.88 -2.39 -1.67
C HIS B 223 -26.94 -2.68 -0.58
N SER B 224 -27.26 -3.96 -0.36
CA SER B 224 -28.22 -4.36 0.67
C SER B 224 -27.94 -5.78 1.12
N ALA B 225 -28.01 -6.04 2.43
CA ALA B 225 -27.87 -7.39 3.00
C ALA B 225 -29.23 -8.04 3.35
N ILE B 226 -30.31 -7.46 2.85
CA ILE B 226 -31.62 -8.09 2.94
C ILE B 226 -31.59 -9.52 2.37
N GLY B 227 -31.93 -10.50 3.20
CA GLY B 227 -31.81 -11.90 2.79
C GLY B 227 -30.60 -12.62 3.36
N LEU B 228 -29.64 -11.84 3.86
CA LEU B 228 -28.43 -12.39 4.46
C LEU B 228 -28.05 -11.53 5.68
N GLU B 229 -29.06 -11.12 6.43
CA GLU B 229 -28.85 -10.33 7.63
C GLU B 229 -27.95 -11.01 8.66
N ASP B 230 -27.96 -12.33 8.72
CA ASP B 230 -27.10 -13.02 9.71
C ASP B 230 -25.65 -13.20 9.25
N ASN B 231 -25.35 -12.68 8.06
CA ASN B 231 -23.99 -12.56 7.60
C ASN B 231 -23.46 -11.22 8.14
N ALA B 232 -22.68 -11.27 9.22
CA ALA B 232 -22.22 -10.06 9.92
C ALA B 232 -21.39 -9.12 9.04
N SER B 233 -20.41 -9.68 8.33
CA SER B 233 -19.50 -8.86 7.53
C SER B 233 -20.28 -8.20 6.41
N ALA B 234 -21.18 -8.97 5.77
CA ALA B 234 -21.97 -8.44 4.68
C ALA B 234 -22.96 -7.37 5.16
N SER B 235 -23.62 -7.65 6.28
CA SER B 235 -24.53 -6.66 6.91
C SER B 235 -23.78 -5.37 7.28
N ALA B 236 -22.60 -5.51 7.89
CA ALA B 236 -21.80 -4.35 8.21
C ALA B 236 -21.43 -3.52 6.97
N LEU B 237 -21.07 -4.18 5.88
CA LEU B 237 -20.62 -3.41 4.70
C LEU B 237 -21.77 -2.80 3.90
N LEU B 238 -22.85 -3.56 3.75
CA LEU B 238 -23.91 -3.24 2.80
C LEU B 238 -25.13 -2.58 3.42
N GLY B 239 -25.30 -2.76 4.73
CA GLY B 239 -26.49 -2.32 5.45
C GLY B 239 -27.71 -3.21 5.19
N ILE B 240 -28.78 -2.91 5.91
CA ILE B 240 -30.00 -3.68 5.80
C ILE B 240 -31.18 -2.86 5.27
N ARG B 241 -30.91 -1.72 4.65
CA ARG B 241 -31.95 -0.96 3.94
C ARG B 241 -32.09 -1.50 2.51
N SER B 242 -33.32 -1.57 2.00
CA SER B 242 -33.51 -2.18 0.70
C SER B 242 -33.00 -1.28 -0.42
N TRP B 243 -32.77 -1.87 -1.57
CA TRP B 243 -32.42 -1.07 -2.75
C TRP B 243 -33.57 -0.11 -3.09
N GLN B 244 -34.80 -0.54 -2.89
CA GLN B 244 -35.94 0.33 -3.18
C GLN B 244 -35.99 1.58 -2.31
N THR B 245 -35.71 1.40 -1.01
CA THR B 245 -35.61 2.54 -0.08
C THR B 245 -34.53 3.53 -0.52
N ARG B 246 -33.35 3.01 -0.87
CA ARG B 246 -32.29 3.88 -1.40
C ARG B 246 -32.72 4.60 -2.69
N ALA B 247 -33.30 3.86 -3.63
CA ALA B 247 -33.71 4.48 -4.88
C ALA B 247 -34.76 5.53 -4.67
N LEU B 248 -35.63 5.35 -3.68
CA LEU B 248 -36.70 6.33 -3.46
C LEU B 248 -36.17 7.73 -3.04
N LEU B 249 -34.94 7.76 -2.51
CA LEU B 249 -34.32 9.05 -2.19
C LEU B 249 -34.07 9.83 -3.46
N ILE B 250 -33.88 9.11 -4.57
CA ILE B 250 -33.75 9.82 -5.83
C ILE B 250 -35.03 10.60 -6.14
N LYS B 251 -36.18 9.92 -6.07
CA LYS B 251 -37.46 10.60 -6.28
C LYS B 251 -37.69 11.74 -5.26
N ALA B 252 -37.32 11.52 -4.00
CA ALA B 252 -37.50 12.52 -2.96
C ALA B 252 -36.79 13.82 -3.35
N LEU B 253 -35.51 13.72 -3.72
CA LEU B 253 -34.76 14.91 -4.11
C LEU B 253 -35.32 15.56 -5.38
N ILE B 254 -35.73 14.75 -6.35
CA ILE B 254 -36.34 15.29 -7.56
C ILE B 254 -37.55 16.12 -7.14
N ASP B 255 -38.40 15.55 -6.28
CA ASP B 255 -39.64 16.23 -5.88
C ASP B 255 -39.42 17.59 -5.17
N GLN B 256 -38.36 17.65 -4.36
CA GLN B 256 -37.93 18.90 -3.70
C GLN B 256 -37.38 19.96 -4.64
N GLY B 257 -37.02 19.53 -5.85
CA GLY B 257 -36.56 20.47 -6.85
C GLY B 257 -35.07 20.38 -7.15
N TYR B 258 -34.41 19.31 -6.70
CA TYR B 258 -32.94 19.19 -6.85
C TYR B 258 -32.49 18.14 -7.86
N MET B 259 -33.29 17.90 -8.90
CA MET B 259 -32.86 16.92 -9.89
C MET B 259 -31.46 17.23 -10.45
N LYS B 260 -31.13 18.52 -10.57
N LYS B 260 -31.11 18.51 -10.59
CA LYS B 260 -29.85 18.92 -11.16
CA LYS B 260 -29.83 18.85 -11.19
C LYS B 260 -28.63 18.55 -10.30
C LYS B 260 -28.62 18.55 -10.29
N GLN B 261 -28.88 18.27 -9.02
CA GLN B 261 -27.80 17.99 -8.07
C GLN B 261 -27.58 16.49 -7.85
N ILE B 262 -28.33 15.64 -8.52
CA ILE B 262 -28.31 14.22 -8.19
C ILE B 262 -27.36 13.42 -9.09
N LEU B 263 -26.52 12.58 -8.49
CA LEU B 263 -25.67 11.64 -9.24
C LEU B 263 -25.96 10.24 -8.71
N VAL B 264 -26.18 9.27 -9.59
CA VAL B 264 -26.55 7.92 -9.22
C VAL B 264 -25.55 6.90 -9.76
N SER B 265 -25.35 5.81 -9.00
CA SER B 265 -24.39 4.78 -9.39
C SER B 265 -24.67 3.54 -8.56
N ASN B 266 -23.89 2.48 -8.82
CA ASN B 266 -24.02 1.20 -8.15
C ASN B 266 -22.96 1.01 -7.10
N ASP B 267 -21.84 1.75 -7.24
CA ASP B 267 -20.63 1.45 -6.49
C ASP B 267 -20.35 -0.06 -6.58
N TRP B 268 -20.31 -0.58 -7.81
CA TRP B 268 -20.01 -1.99 -8.01
C TRP B 268 -18.51 -2.16 -8.26
N LEU B 269 -18.05 -3.41 -8.34
CA LEU B 269 -16.66 -3.75 -8.62
C LEU B 269 -16.66 -5.12 -9.26
N PHE B 270 -15.53 -5.50 -9.86
CA PHE B 270 -15.35 -6.82 -10.44
C PHE B 270 -14.34 -7.69 -9.69
N GLY B 271 -13.63 -7.04 -8.78
CA GLY B 271 -12.70 -7.71 -7.84
C GLY B 271 -12.68 -6.92 -6.55
N PHE B 272 -12.40 -7.59 -5.43
CA PHE B 272 -12.51 -6.91 -4.17
C PHE B 272 -11.64 -7.68 -3.16
N SER B 273 -10.58 -7.04 -2.68
CA SER B 273 -9.59 -7.76 -1.83
C SER B 273 -9.33 -7.13 -0.45
N SER B 274 -9.93 -5.97 -0.22
CA SER B 274 -9.68 -5.19 1.01
C SER B 274 -10.68 -5.54 2.13
N TYR B 275 -11.45 -6.62 1.93
CA TYR B 275 -12.45 -7.02 2.91
C TYR B 275 -12.40 -8.55 3.11
N VAL B 276 -13.50 -9.19 3.52
N VAL B 276 -13.52 -9.18 3.49
CA VAL B 276 -13.46 -10.66 3.66
CA VAL B 276 -13.58 -10.65 3.60
C VAL B 276 -13.21 -11.30 2.30
C VAL B 276 -13.21 -11.30 2.26
N THR B 277 -12.54 -12.44 2.30
CA THR B 277 -11.97 -13.01 1.07
C THR B 277 -12.94 -13.13 -0.11
N ASN B 278 -14.16 -13.61 0.16
CA ASN B 278 -15.13 -13.85 -0.92
C ASN B 278 -16.26 -12.80 -1.00
N ILE B 279 -16.02 -11.61 -0.48
CA ILE B 279 -17.04 -10.58 -0.49
C ILE B 279 -17.52 -10.33 -1.91
N MET B 280 -16.66 -10.40 -2.91
CA MET B 280 -17.13 -10.18 -4.31
C MET B 280 -18.26 -11.16 -4.69
N ASP B 281 -18.09 -12.45 -4.35
CA ASP B 281 -19.10 -13.46 -4.64
C ASP B 281 -20.43 -13.19 -3.93
N VAL B 282 -20.36 -12.84 -2.64
CA VAL B 282 -21.55 -12.48 -1.87
C VAL B 282 -22.26 -11.27 -2.52
N MET B 283 -21.47 -10.28 -2.91
CA MET B 283 -22.08 -9.12 -3.59
C MET B 283 -22.75 -9.49 -4.91
N ASP B 284 -22.10 -10.38 -5.66
CA ASP B 284 -22.67 -10.81 -6.93
C ASP B 284 -23.98 -11.58 -6.71
N ARG B 285 -24.06 -12.28 -5.59
CA ARG B 285 -25.28 -13.00 -5.16
C ARG B 285 -26.42 -12.02 -4.83
N VAL B 286 -26.05 -10.90 -4.22
CA VAL B 286 -27.00 -9.82 -3.94
C VAL B 286 -27.51 -9.13 -5.20
N ASN B 287 -26.60 -8.82 -6.12
CA ASN B 287 -26.92 -8.06 -7.34
C ASN B 287 -26.25 -8.67 -8.58
N PRO B 288 -26.90 -9.68 -9.18
CA PRO B 288 -26.39 -10.32 -10.39
C PRO B 288 -26.28 -9.37 -11.59
N ASP B 289 -26.99 -8.25 -11.55
CA ASP B 289 -26.96 -7.27 -12.66
C ASP B 289 -25.68 -6.43 -12.64
N GLY B 290 -24.97 -6.47 -11.53
CA GLY B 290 -23.70 -5.72 -11.43
C GLY B 290 -23.93 -4.24 -11.70
N MET B 291 -23.10 -3.67 -12.56
CA MET B 291 -23.23 -2.27 -12.97
C MET B 291 -24.44 -1.96 -13.84
N ALA B 292 -25.08 -2.99 -14.39
CA ALA B 292 -26.33 -2.77 -15.12
C ALA B 292 -27.53 -2.62 -14.20
N PHE B 293 -27.31 -2.66 -12.88
CA PHE B 293 -28.45 -2.55 -11.96
C PHE B 293 -29.18 -1.19 -12.07
N ILE B 294 -28.42 -0.10 -12.12
CA ILE B 294 -29.01 1.25 -12.31
C ILE B 294 -29.90 1.32 -13.59
N PRO B 295 -29.35 1.04 -14.78
CA PRO B 295 -30.18 1.14 -16.00
C PRO B 295 -31.31 0.09 -16.09
N LEU B 296 -31.01 -1.15 -15.68
CA LEU B 296 -31.99 -2.24 -15.76
C LEU B 296 -33.06 -2.27 -14.68
N ARG B 297 -32.73 -1.85 -13.46
CA ARG B 297 -33.70 -1.98 -12.35
C ARG B 297 -34.16 -0.65 -11.77
N VAL B 298 -33.22 0.25 -11.53
CA VAL B 298 -33.54 1.49 -10.83
C VAL B 298 -34.34 2.44 -11.73
N ILE B 299 -33.93 2.58 -12.99
CA ILE B 299 -34.61 3.54 -13.87
C ILE B 299 -36.06 3.10 -14.16
N PRO B 300 -36.28 1.81 -14.52
CA PRO B 300 -37.70 1.37 -14.67
C PRO B 300 -38.52 1.53 -13.38
N PHE B 301 -37.89 1.26 -12.23
CA PHE B 301 -38.55 1.40 -10.93
C PHE B 301 -39.01 2.86 -10.72
N LEU B 302 -38.14 3.81 -11.02
CA LEU B 302 -38.48 5.21 -10.83
C LEU B 302 -39.51 5.69 -11.87
N ARG B 303 -39.40 5.22 -13.11
N ARG B 303 -39.38 5.23 -13.11
CA ARG B 303 -40.43 5.50 -14.10
CA ARG B 303 -40.41 5.45 -14.12
C ARG B 303 -41.79 4.99 -13.61
C ARG B 303 -41.77 5.00 -13.58
N GLU B 304 -41.79 3.80 -13.02
CA GLU B 304 -43.02 3.20 -12.51
C GLU B 304 -43.62 4.06 -11.36
N LYS B 305 -42.73 4.72 -10.61
CA LYS B 305 -43.15 5.62 -9.53
C LYS B 305 -43.51 6.99 -10.06
N GLY B 306 -43.59 7.14 -11.38
CA GLY B 306 -44.00 8.42 -11.94
C GLY B 306 -42.90 9.41 -12.36
N VAL B 307 -41.63 9.07 -12.20
CA VAL B 307 -40.55 10.00 -12.63
C VAL B 307 -40.43 9.95 -14.17
N PRO B 308 -40.54 11.12 -14.84
CA PRO B 308 -40.42 11.07 -16.31
C PRO B 308 -39.05 10.56 -16.75
N GLN B 309 -39.03 9.81 -17.85
CA GLN B 309 -37.78 9.36 -18.46
C GLN B 309 -36.81 10.51 -18.69
N GLU B 310 -37.32 11.67 -19.11
CA GLU B 310 -36.46 12.81 -19.36
C GLU B 310 -35.71 13.30 -18.11
N THR B 311 -36.36 13.21 -16.97
CA THR B 311 -35.73 13.58 -15.69
C THR B 311 -34.62 12.60 -15.40
N LEU B 312 -34.87 11.34 -15.66
CA LEU B 312 -33.87 10.29 -15.43
C LEU B 312 -32.67 10.37 -16.37
N ALA B 313 -32.92 10.77 -17.62
CA ALA B 313 -31.83 10.98 -18.56
C ALA B 313 -31.00 12.21 -18.13
N GLY B 314 -31.66 13.27 -17.67
CA GLY B 314 -30.99 14.43 -17.08
C GLY B 314 -30.05 14.03 -15.95
N ILE B 315 -30.51 13.12 -15.11
CA ILE B 315 -29.71 12.65 -13.97
C ILE B 315 -28.53 11.79 -14.42
N THR B 316 -28.75 10.88 -15.36
CA THR B 316 -27.72 9.90 -15.76
C THR B 316 -26.80 10.31 -16.91
N VAL B 317 -27.21 11.36 -17.64
CA VAL B 317 -26.41 11.82 -18.77
C VAL B 317 -25.98 13.26 -18.56
N THR B 318 -26.96 14.15 -18.39
CA THR B 318 -26.62 15.58 -18.28
C THR B 318 -25.82 15.96 -17.03
N ASN B 319 -26.27 15.50 -15.85
CA ASN B 319 -25.59 15.82 -14.60
C ASN B 319 -24.12 15.37 -14.58
N PRO B 320 -23.86 14.11 -14.94
CA PRO B 320 -22.45 13.65 -14.94
C PRO B 320 -21.55 14.48 -15.88
N ALA B 321 -22.03 14.83 -17.07
CA ALA B 321 -21.17 15.57 -18.00
C ALA B 321 -20.85 16.98 -17.45
N ARG B 322 -21.85 17.62 -16.85
CA ARG B 322 -21.70 18.95 -16.26
C ARG B 322 -20.74 18.87 -15.08
N PHE B 323 -20.81 17.77 -14.34
CA PHE B 323 -19.96 17.56 -13.18
C PHE B 323 -18.51 17.34 -13.59
N LEU B 324 -18.28 16.52 -14.61
CA LEU B 324 -16.91 16.09 -14.97
C LEU B 324 -16.16 17.10 -15.84
N SER B 325 -16.90 17.82 -16.68
CA SER B 325 -16.23 18.76 -17.59
C SER B 325 -15.51 19.85 -16.77
N PRO B 326 -14.18 19.97 -16.94
CA PRO B 326 -13.39 20.83 -16.06
C PRO B 326 -13.85 22.28 -16.04
N THR B 327 -13.95 22.83 -14.84
CA THR B 327 -14.42 24.20 -14.62
C THR B 327 -14.24 24.52 -13.15
N LEU B 328 -14.20 25.82 -12.81
CA LEU B 328 -14.12 26.22 -11.39
C LEU B 328 -15.49 26.53 -10.79
N ARG B 329 -16.48 26.67 -11.66
CA ARG B 329 -17.83 27.04 -11.22
C ARG B 329 -18.81 26.54 -12.26
N ALA B 330 -19.45 25.41 -11.97
CA ALA B 330 -20.43 24.84 -12.89
C ALA B 330 -21.82 25.42 -12.56
CO CO C . 13.04 -2.71 11.39
CO CO D . 15.20 -2.41 8.08
C1 BTB E . 13.68 12.78 -0.30
O1 BTB E . 13.52 11.69 -1.22
C2 BTB E . 14.60 13.84 -0.90
C3 BTB E . 13.78 14.74 -1.80
O3 BTB E . 12.83 15.40 -0.98
C4 BTB E . 15.19 14.72 0.23
O4 BTB E . 16.11 15.70 -0.30
N BTB E . 15.56 12.98 -1.67
C5 BTB E . 16.72 12.49 -0.86
C6 BTB E . 18.04 12.41 -1.62
O6 BTB E . 18.62 13.70 -1.54
C7 BTB E . 15.60 13.03 -3.16
C8 BTB E . 16.61 13.90 -3.94
O8 BTB E . 16.10 15.25 -3.93
O4 DPF F . 12.41 -0.88 10.40
P1 DPF F . 13.41 -0.24 9.48
O2 DPF F . 14.75 -0.94 9.33
O3 DPF F . 12.62 -0.11 8.06
C1 DPF F . 12.86 0.99 7.19
C4 DPF F . 12.14 0.77 5.88
O1 DPF F . 13.79 1.26 9.89
C2 DPF F . 14.88 1.82 9.13
C3 DPF F . 15.38 3.15 9.62
CO CO G . -16.45 3.13 -3.97
CO CO H . -16.58 4.62 -0.37
C1 BTB I . -11.23 -16.05 -4.90
O1 BTB I . -10.97 -16.19 -3.49
C2 BTB I . -12.39 -15.06 -5.03
C3 BTB I . -13.59 -15.55 -4.19
O3 BTB I . -14.22 -16.66 -4.82
C4 BTB I . -12.01 -13.72 -4.40
O4 BTB I . -11.17 -12.90 -5.21
N BTB I . -12.78 -15.02 -6.47
C5 BTB I . -11.59 -15.01 -7.35
C6 BTB I . -11.65 -16.14 -8.38
O6 BTB I . -12.17 -17.33 -7.76
C7 BTB I . -13.61 -13.84 -6.76
C8 BTB I . -14.51 -14.03 -7.99
O8 BTB I . -15.24 -15.26 -7.79
C12 EFS J . -13.23 -0.51 -2.48
C11 EFS J . -14.67 -0.07 -2.38
O2 EFS J . -14.73 1.20 -1.75
P EFS J . -16.14 1.75 -1.15
O4 EFS J . -16.94 2.32 -2.33
O1 EFS J . -15.68 2.85 -0.21
O3 EFS J . -16.78 0.57 -0.50
#